data_7YA3
#
_entry.id   7YA3
#
_cell.length_a   64.343
_cell.length_b   64.343
_cell.length_c   180.621
_cell.angle_alpha   90.000
_cell.angle_beta   90.000
_cell.angle_gamma   90.000
#
_symmetry.space_group_name_H-M   'P 43'
#
loop_
_entity.id
_entity.type
_entity.pdbx_description
1 polymer 'Formate dehydrogenase'
2 non-polymer 'NADP NICOTINAMIDE-ADENINE-DINUCLEOTIDE PHOSPHATE'
3 non-polymer 'AZIDE ION'
4 water water
#
_entity_poly.entity_id   1
_entity_poly.type   'polypeptide(L)'
_entity_poly.pdbx_seq_one_letter_code
;MAKILCVLYPDPVNGYPKTYARDEIPNITVYDNGQTAPTPKAIDFKPGELLGSVSGELGLRKYLEGLGHEFIVTSDKEGP
DSEFEKHLPDAEIIISQPFWPAYLGPERLAKAKKLKLALTAGIGSDHVDLESAIKHGVTVAEVTGSNSISVSEHAVMMIL
SLVRNYIPAHEWAEKGGWNIADCVERSYDVEGMHVGTVAAGRIGLAILKRMKPFDVHLHYYARHRLSKEEEEELGLTFHE
NVEDMVKVCDVVTINAPLHPETHHMFDEAMIKKMKRGAYIVNTARAEICDRDAIVRAVESGHLAGYAGDVWNPQPAPADH
PWRTMPWNGMTPHMSGTSLSGQARYTAGTREILECWFEGRPIREDYVIVDGGKLAGTGALSYTVLEHHHHHH
;
_entity_poly.pdbx_strand_id   A,B
#
loop_
_chem_comp.id
_chem_comp.type
_chem_comp.name
_chem_comp.formula
AZI non-polymer 'AZIDE ION' 'N3 -1'
NAP non-polymer 'NADP NICOTINAMIDE-ADENINE-DINUCLEOTIDE PHOSPHATE' 'C21 H28 N7 O17 P3'
#
# COMPACT_ATOMS: atom_id res chain seq x y z
N ALA A 2 -41.39 17.05 3.70
CA ALA A 2 -40.77 18.34 4.06
C ALA A 2 -39.62 18.62 3.08
N LYS A 3 -38.78 19.60 3.46
CA LYS A 3 -37.56 19.90 2.72
C LYS A 3 -36.45 18.97 3.22
N ILE A 4 -36.00 18.09 2.31
CA ILE A 4 -34.81 17.28 2.51
C ILE A 4 -33.67 18.02 1.85
N LEU A 5 -32.55 18.17 2.58
CA LEU A 5 -31.46 19.04 2.17
C LEU A 5 -30.16 18.24 2.25
N CYS A 6 -29.38 18.28 1.16
CA CYS A 6 -28.30 17.33 0.95
C CYS A 6 -27.04 18.02 0.43
N VAL A 7 -25.98 17.99 1.23
CA VAL A 7 -24.74 18.67 0.90
C VAL A 7 -23.74 17.64 0.40
N LEU A 8 -23.40 17.73 -0.91
CA LEU A 8 -22.54 16.78 -1.60
C LEU A 8 -21.39 17.53 -2.24
N TYR A 9 -20.37 16.79 -2.68
CA TYR A 9 -19.12 17.43 -3.06
C TYR A 9 -19.15 17.88 -4.53
N PRO A 10 -18.29 18.86 -4.91
CA PRO A 10 -18.13 19.27 -6.30
C PRO A 10 -17.90 18.06 -7.18
N ASP A 11 -18.46 18.15 -8.41
CA ASP A 11 -18.29 17.14 -9.45
C ASP A 11 -16.83 17.12 -9.91
N PRO A 12 -16.36 16.05 -10.61
CA PRO A 12 -15.00 16.05 -11.13
C PRO A 12 -14.86 17.21 -12.11
N VAL A 13 -13.62 17.73 -12.25
CA VAL A 13 -13.38 18.91 -13.06
C VAL A 13 -13.57 18.60 -14.55
N ASN A 14 -13.64 17.30 -14.90
CA ASN A 14 -14.07 16.87 -16.23
C ASN A 14 -15.61 16.76 -16.27
N GLY A 15 -16.27 17.32 -15.25
CA GLY A 15 -17.72 17.20 -15.08
C GLY A 15 -18.15 15.77 -14.73
N TYR A 16 -19.41 15.60 -14.33
CA TYR A 16 -19.85 14.28 -13.91
C TYR A 16 -19.35 13.23 -14.91
N PRO A 17 -18.76 12.11 -14.42
CA PRO A 17 -18.21 11.06 -15.29
C PRO A 17 -19.15 10.55 -16.38
N LYS A 18 -18.63 10.54 -17.60
CA LYS A 18 -19.34 10.00 -18.75
C LYS A 18 -19.31 8.47 -18.66
N THR A 19 -18.09 7.93 -18.51
CA THR A 19 -17.86 6.50 -18.33
C THR A 19 -16.79 6.24 -17.28
N TYR A 20 -16.69 4.99 -16.82
CA TYR A 20 -15.83 4.62 -15.71
C TYR A 20 -14.73 3.68 -16.19
N ALA A 21 -13.85 3.30 -15.25
CA ALA A 21 -12.69 2.51 -15.59
C ALA A 21 -13.09 1.04 -15.73
N ARG A 22 -14.29 0.70 -15.22
CA ARG A 22 -14.73 -0.71 -15.14
C ARG A 22 -16.17 -0.88 -15.61
N ASP A 23 -16.56 -2.13 -15.81
CA ASP A 23 -17.91 -2.47 -16.24
C ASP A 23 -18.77 -2.77 -15.01
N GLU A 24 -18.13 -3.10 -13.88
CA GLU A 24 -18.83 -3.39 -12.63
C GLU A 24 -17.84 -3.60 -11.46
N ILE A 25 -18.40 -3.65 -10.24
CA ILE A 25 -17.60 -3.87 -9.05
C ILE A 25 -18.17 -5.08 -8.31
N PRO A 26 -17.37 -5.78 -7.47
CA PRO A 26 -17.85 -6.96 -6.75
C PRO A 26 -19.11 -6.61 -5.97
N ASN A 27 -20.02 -7.56 -5.84
CA ASN A 27 -21.22 -7.33 -5.07
C ASN A 27 -20.92 -7.79 -3.64
N ILE A 28 -21.23 -6.92 -2.68
CA ILE A 28 -20.90 -7.17 -1.29
C ILE A 28 -22.21 -7.13 -0.50
N THR A 29 -22.50 -8.22 0.20
CA THR A 29 -23.79 -8.40 0.85
C THR A 29 -23.67 -8.42 2.36
N VAL A 30 -22.59 -9.00 2.88
CA VAL A 30 -22.46 -9.26 4.31
C VAL A 30 -21.09 -8.77 4.78
N TYR A 31 -21.03 -8.27 6.03
CA TYR A 31 -19.80 -7.79 6.64
C TYR A 31 -19.17 -8.90 7.46
N ASP A 32 -18.09 -8.59 8.18
CA ASP A 32 -17.32 -9.59 8.89
C ASP A 32 -18.07 -10.02 10.16
N ASN A 33 -18.54 -9.03 10.95
CA ASN A 33 -19.21 -9.32 12.23
C ASN A 33 -20.59 -9.92 12.01
N GLY A 34 -20.95 -10.19 10.74
CA GLY A 34 -22.20 -10.83 10.39
C GLY A 34 -23.26 -9.82 9.92
N GLN A 35 -23.05 -8.52 10.15
CA GLN A 35 -24.05 -7.51 9.81
C GLN A 35 -24.30 -7.54 8.30
N THR A 36 -25.53 -7.25 7.88
CA THR A 36 -25.83 -7.25 6.45
C THR A 36 -25.59 -5.87 5.83
N ALA A 37 -25.20 -5.89 4.55
CA ALA A 37 -25.12 -4.67 3.75
C ALA A 37 -26.49 -4.03 3.64
N PRO A 38 -26.55 -2.69 3.48
CA PRO A 38 -27.82 -2.00 3.35
C PRO A 38 -28.81 -2.72 2.44
N THR A 39 -30.11 -2.53 2.75
CA THR A 39 -31.21 -3.32 2.23
C THR A 39 -32.34 -2.43 1.71
N PRO A 40 -32.09 -1.33 0.97
CA PRO A 40 -33.21 -0.55 0.41
C PRO A 40 -34.03 -1.40 -0.57
N LYS A 41 -35.33 -1.08 -0.65
CA LYS A 41 -36.24 -1.85 -1.50
C LYS A 41 -35.90 -1.63 -2.98
N ALA A 42 -35.70 -0.37 -3.37
CA ALA A 42 -35.22 0.00 -4.69
C ALA A 42 -34.06 0.98 -4.56
N ILE A 43 -33.07 0.80 -5.44
CA ILE A 43 -32.01 1.77 -5.63
C ILE A 43 -32.16 2.30 -7.06
N ASP A 44 -31.80 3.58 -7.26
CA ASP A 44 -31.93 4.22 -8.55
C ASP A 44 -30.54 4.63 -9.02
N PHE A 45 -29.61 3.65 -9.06
CA PHE A 45 -28.25 3.85 -9.55
C PHE A 45 -27.59 2.49 -9.77
N LYS A 46 -26.75 2.39 -10.82
CA LYS A 46 -25.89 1.24 -11.01
C LYS A 46 -24.81 1.28 -9.93
N PRO A 47 -24.67 0.30 -9.00
CA PRO A 47 -23.55 0.37 -8.06
C PRO A 47 -22.26 0.50 -8.86
N GLY A 48 -21.29 1.25 -8.33
CA GLY A 48 -20.02 1.47 -9.01
C GLY A 48 -19.96 2.82 -9.70
N GLU A 49 -21.10 3.53 -9.64
CA GLU A 49 -21.23 4.88 -10.17
C GLU A 49 -20.90 5.87 -9.07
N LEU A 50 -20.60 7.11 -9.48
CA LEU A 50 -20.32 8.23 -8.58
C LEU A 50 -21.61 8.86 -8.03
N LEU A 51 -21.98 8.52 -6.78
CA LEU A 51 -23.22 8.99 -6.17
C LEU A 51 -22.99 10.19 -5.25
N GLY A 52 -21.73 10.45 -4.83
CA GLY A 52 -21.44 11.34 -3.70
C GLY A 52 -21.24 12.82 -4.06
N SER A 53 -21.28 13.16 -5.34
CA SER A 53 -21.18 14.54 -5.79
C SER A 53 -22.58 15.04 -6.10
N VAL A 54 -22.68 16.38 -6.25
CA VAL A 54 -23.88 17.14 -6.57
C VAL A 54 -24.71 16.48 -7.68
N SER A 55 -24.08 16.10 -8.80
CA SER A 55 -24.81 15.51 -9.91
C SER A 55 -25.33 14.13 -9.53
N GLY A 56 -24.45 13.26 -9.00
CA GLY A 56 -24.85 11.97 -8.44
C GLY A 56 -26.07 12.05 -7.50
N GLU A 57 -26.10 13.03 -6.60
CA GLU A 57 -27.24 13.29 -5.72
C GLU A 57 -27.71 12.03 -4.97
N LEU A 58 -26.82 11.06 -4.76
CA LEU A 58 -27.12 9.82 -4.04
C LEU A 58 -28.31 9.12 -4.69
N GLY A 59 -28.45 9.30 -6.01
CA GLY A 59 -29.57 8.79 -6.80
C GLY A 59 -30.88 8.83 -6.03
N LEU A 60 -31.19 10.00 -5.46
CA LEU A 60 -32.31 10.13 -4.53
C LEU A 60 -33.45 10.95 -5.13
N ARG A 61 -33.24 11.64 -6.25
CA ARG A 61 -34.22 12.62 -6.64
C ARG A 61 -35.53 11.98 -7.13
N LYS A 62 -35.49 10.72 -7.59
CA LYS A 62 -36.70 10.06 -8.09
C LYS A 62 -37.64 9.68 -6.94
N TYR A 63 -37.06 9.22 -5.84
CA TYR A 63 -37.81 8.68 -4.72
C TYR A 63 -38.41 9.80 -3.86
N LEU A 64 -37.69 10.93 -3.76
CA LEU A 64 -38.03 12.02 -2.83
C LEU A 64 -39.08 12.95 -3.45
N GLU A 65 -38.90 13.29 -4.74
CA GLU A 65 -39.96 13.86 -5.56
C GLU A 65 -40.76 12.73 -6.22
N GLY A 66 -40.79 11.57 -5.54
CA GLY A 66 -41.79 10.53 -5.74
C GLY A 66 -42.80 10.51 -4.58
N LEU A 67 -42.61 11.42 -3.62
CA LEU A 67 -43.69 11.90 -2.77
C LEU A 67 -43.73 13.42 -2.85
N GLY A 68 -43.23 13.97 -3.97
CA GLY A 68 -43.16 15.41 -4.20
C GLY A 68 -42.74 16.17 -2.95
N HIS A 69 -41.70 15.66 -2.26
CA HIS A 69 -40.98 16.39 -1.24
C HIS A 69 -39.97 17.32 -1.92
N GLU A 70 -39.51 18.32 -1.17
CA GLU A 70 -38.52 19.26 -1.65
C GLU A 70 -37.12 18.68 -1.41
N PHE A 71 -36.27 18.67 -2.45
CA PHE A 71 -34.96 18.04 -2.35
C PHE A 71 -33.89 18.93 -2.99
N ILE A 72 -33.12 19.62 -2.14
CA ILE A 72 -32.09 20.55 -2.58
C ILE A 72 -30.73 19.88 -2.46
N VAL A 73 -29.82 20.19 -3.41
CA VAL A 73 -28.47 19.65 -3.44
C VAL A 73 -27.50 20.81 -3.58
N THR A 74 -26.32 20.74 -2.92
CA THR A 74 -25.36 21.85 -2.95
C THR A 74 -24.02 21.52 -2.27
N SER A 75 -22.94 21.98 -2.91
CA SER A 75 -21.60 21.90 -2.32
C SER A 75 -21.27 23.14 -1.49
N ASP A 76 -22.07 24.22 -1.67
CA ASP A 76 -21.91 25.46 -0.92
C ASP A 76 -22.42 25.24 0.51
N LYS A 77 -21.52 25.34 1.52
CA LYS A 77 -21.88 24.92 2.88
C LYS A 77 -21.31 25.80 4.00
N GLU A 78 -20.60 26.89 3.67
CA GLU A 78 -19.81 27.63 4.64
C GLU A 78 -20.46 28.97 5.00
N GLY A 79 -20.43 29.35 6.30
CA GLY A 79 -20.75 30.69 6.76
C GLY A 79 -22.16 31.17 6.38
N PRO A 80 -22.77 32.12 7.15
CA PRO A 80 -24.22 32.32 7.14
C PRO A 80 -24.92 32.90 5.90
N ASP A 81 -24.19 33.11 4.79
CA ASP A 81 -24.80 33.57 3.55
C ASP A 81 -25.02 32.41 2.58
N SER A 82 -24.47 31.23 2.92
CA SER A 82 -24.34 30.11 2.00
C SER A 82 -25.68 29.44 1.71
N GLU A 83 -25.76 28.83 0.52
CA GLU A 83 -26.90 28.06 0.05
C GLU A 83 -27.43 27.11 1.15
N PHE A 84 -26.50 26.42 1.82
CA PHE A 84 -26.83 25.52 2.91
C PHE A 84 -27.49 26.28 4.06
N GLU A 85 -26.80 27.32 4.55
CA GLU A 85 -27.30 28.20 5.60
C GLU A 85 -28.65 28.83 5.23
N LYS A 86 -28.86 29.01 3.91
CA LYS A 86 -30.08 29.55 3.33
C LYS A 86 -31.26 28.63 3.61
N HIS A 87 -31.18 27.39 3.09
CA HIS A 87 -32.30 26.45 3.15
C HIS A 87 -32.37 25.76 4.50
N LEU A 88 -31.32 25.93 5.32
CA LEU A 88 -31.14 25.25 6.60
C LEU A 88 -32.39 25.32 7.48
N PRO A 89 -32.96 26.53 7.78
CA PRO A 89 -33.93 26.70 8.88
C PRO A 89 -35.26 25.96 8.76
N ASP A 90 -35.72 25.77 7.52
CA ASP A 90 -37.01 25.15 7.25
C ASP A 90 -36.83 23.69 6.82
N ALA A 91 -35.58 23.18 6.81
CA ALA A 91 -35.30 21.81 6.42
C ALA A 91 -35.62 20.85 7.58
N GLU A 92 -36.15 19.66 7.24
CA GLU A 92 -36.49 18.63 8.22
C GLU A 92 -35.45 17.51 8.23
N ILE A 93 -35.01 17.08 7.04
CA ILE A 93 -33.95 16.08 6.98
C ILE A 93 -32.75 16.74 6.32
N ILE A 94 -31.62 16.71 7.03
CA ILE A 94 -30.35 17.16 6.48
C ILE A 94 -29.48 15.93 6.24
N ILE A 95 -28.90 15.81 5.04
CA ILE A 95 -27.99 14.74 4.70
C ILE A 95 -26.70 15.39 4.25
N SER A 96 -25.59 14.89 4.81
CA SER A 96 -24.26 15.19 4.33
C SER A 96 -23.37 13.98 4.54
N GLN A 97 -22.23 13.95 3.84
CA GLN A 97 -21.20 12.95 4.03
C GLN A 97 -20.03 13.62 4.76
N PRO A 98 -19.33 12.90 5.68
CA PRO A 98 -18.06 13.37 6.27
C PRO A 98 -16.97 13.87 5.31
N PHE A 99 -17.03 13.42 4.06
CA PHE A 99 -16.01 13.74 3.07
C PHE A 99 -16.18 15.21 2.66
N TRP A 100 -17.40 15.70 2.82
CA TRP A 100 -17.80 17.07 2.49
C TRP A 100 -18.88 17.47 3.50
N PRO A 101 -18.48 17.73 4.77
CA PRO A 101 -19.42 17.80 5.89
C PRO A 101 -20.06 19.15 6.11
N ALA A 102 -21.39 19.21 5.94
CA ALA A 102 -22.15 20.34 6.42
C ALA A 102 -22.26 20.24 7.95
N TYR A 103 -21.44 21.02 8.68
CA TYR A 103 -21.38 20.85 10.13
C TYR A 103 -22.67 21.36 10.79
N LEU A 104 -22.99 20.80 11.96
CA LEU A 104 -24.19 21.18 12.68
C LEU A 104 -23.90 21.40 14.16
N GLY A 105 -23.24 22.53 14.42
CA GLY A 105 -23.05 23.04 15.77
C GLY A 105 -24.36 23.53 16.40
N PRO A 106 -24.28 24.14 17.61
CA PRO A 106 -25.48 24.40 18.41
C PRO A 106 -26.37 25.51 17.84
N GLU A 107 -25.72 26.50 17.19
CA GLU A 107 -26.39 27.66 16.62
C GLU A 107 -26.96 27.30 15.25
N ARG A 108 -26.19 26.55 14.46
CA ARG A 108 -26.71 25.99 13.23
C ARG A 108 -27.85 25.00 13.55
N LEU A 109 -27.84 24.42 14.76
CA LEU A 109 -28.94 23.59 15.20
C LEU A 109 -30.14 24.45 15.61
N ALA A 110 -29.86 25.62 16.23
CA ALA A 110 -30.90 26.54 16.66
C ALA A 110 -31.72 27.03 15.46
N LYS A 111 -31.04 27.44 14.38
CA LYS A 111 -31.72 27.97 13.20
C LYS A 111 -32.59 26.93 12.49
N ALA A 112 -32.21 25.64 12.55
CA ALA A 112 -32.92 24.61 11.83
C ALA A 112 -34.21 24.27 12.58
N LYS A 113 -35.24 25.09 12.37
CA LYS A 113 -36.48 25.02 13.14
C LYS A 113 -37.12 23.64 13.06
N LYS A 114 -37.02 23.00 11.89
CA LYS A 114 -37.90 21.90 11.53
C LYS A 114 -37.12 20.59 11.42
N LEU A 115 -35.82 20.66 11.71
CA LEU A 115 -34.94 19.51 11.52
C LEU A 115 -35.36 18.39 12.46
N LYS A 116 -35.61 17.20 11.88
CA LYS A 116 -35.93 15.99 12.61
C LYS A 116 -34.84 14.91 12.48
N LEU A 117 -34.13 14.86 11.34
CA LEU A 117 -33.12 13.83 11.11
C LEU A 117 -31.89 14.35 10.36
N ALA A 118 -30.82 14.65 11.11
CA ALA A 118 -29.50 14.85 10.53
C ALA A 118 -28.90 13.48 10.23
N LEU A 119 -28.68 13.21 8.94
CA LEU A 119 -28.33 11.88 8.46
C LEU A 119 -26.97 11.91 7.74
N THR A 120 -25.99 11.28 8.39
CA THR A 120 -24.62 11.16 7.92
C THR A 120 -24.51 10.10 6.83
N ALA A 121 -24.17 10.51 5.60
CA ALA A 121 -23.96 9.56 4.52
C ALA A 121 -22.54 9.00 4.58
N GLY A 122 -22.39 7.89 5.30
CA GLY A 122 -21.10 7.37 5.68
C GLY A 122 -21.04 7.16 7.18
N ILE A 123 -19.85 7.29 7.78
CA ILE A 123 -19.63 6.91 9.16
C ILE A 123 -18.94 8.06 9.92
N GLY A 124 -19.29 8.21 11.19
CA GLY A 124 -18.70 9.25 12.02
C GLY A 124 -19.52 10.53 11.93
N SER A 125 -20.32 10.81 12.98
CA SER A 125 -21.23 11.95 12.97
C SER A 125 -20.64 13.11 13.77
N ASP A 126 -19.30 13.15 13.84
CA ASP A 126 -18.55 14.11 14.65
C ASP A 126 -18.76 15.55 14.19
N HIS A 127 -19.13 15.77 12.93
CA HIS A 127 -19.44 17.09 12.41
C HIS A 127 -20.74 17.65 13.03
N VAL A 128 -21.41 16.84 13.87
CA VAL A 128 -22.72 17.15 14.41
C VAL A 128 -22.63 17.27 15.94
N ASP A 129 -23.01 18.43 16.50
CA ASP A 129 -22.95 18.66 17.94
C ASP A 129 -23.92 17.71 18.65
N LEU A 130 -23.39 16.55 19.03
CA LEU A 130 -24.19 15.43 19.48
C LEU A 130 -24.98 15.85 20.72
N GLU A 131 -24.47 16.81 21.48
CA GLU A 131 -25.21 17.32 22.63
C GLU A 131 -26.43 18.11 22.10
N SER A 132 -26.21 19.27 21.47
CA SER A 132 -27.31 20.06 20.91
C SER A 132 -28.42 19.17 20.35
N ALA A 133 -28.03 18.23 19.49
CA ALA A 133 -28.96 17.30 18.87
C ALA A 133 -29.97 16.79 19.89
N ILE A 134 -29.46 16.36 21.05
CA ILE A 134 -30.29 15.87 22.15
C ILE A 134 -31.27 16.97 22.58
N LYS A 135 -30.76 18.20 22.79
CA LYS A 135 -31.58 19.30 23.28
C LYS A 135 -32.82 19.49 22.40
N HIS A 136 -32.68 19.32 21.08
CA HIS A 136 -33.78 19.63 20.18
C HIS A 136 -34.56 18.38 19.77
N GLY A 137 -34.38 17.30 20.54
CA GLY A 137 -35.09 16.05 20.30
C GLY A 137 -34.63 15.34 19.03
N VAL A 138 -33.68 15.95 18.30
CA VAL A 138 -33.41 15.55 16.92
C VAL A 138 -32.84 14.14 16.90
N THR A 139 -32.94 13.51 15.73
CA THR A 139 -32.47 12.15 15.50
C THR A 139 -31.26 12.19 14.56
N VAL A 140 -30.27 11.33 14.86
CA VAL A 140 -29.04 11.27 14.09
C VAL A 140 -28.65 9.81 13.88
N ALA A 141 -28.44 9.46 12.60
CA ALA A 141 -28.14 8.10 12.19
C ALA A 141 -27.05 8.16 11.14
N GLU A 142 -26.25 7.09 11.04
CA GLU A 142 -25.13 7.00 10.12
C GLU A 142 -25.03 5.57 9.64
N VAL A 143 -24.65 5.38 8.36
CA VAL A 143 -24.57 4.06 7.75
C VAL A 143 -23.35 3.31 8.28
N THR A 144 -23.57 2.57 9.37
CA THR A 144 -22.51 1.87 10.06
C THR A 144 -22.08 0.67 9.22
N GLY A 145 -20.77 0.45 9.13
CA GLY A 145 -20.20 -0.68 8.41
C GLY A 145 -19.89 -0.41 6.92
N SER A 146 -20.68 0.44 6.25
CA SER A 146 -20.61 0.59 4.79
C SER A 146 -19.16 0.54 4.27
N ASN A 147 -18.29 1.40 4.84
CA ASN A 147 -17.04 1.76 4.21
C ASN A 147 -15.85 1.46 5.13
N SER A 148 -16.06 0.63 6.16
CA SER A 148 -15.02 0.31 7.12
C SER A 148 -13.93 -0.55 6.45
N ILE A 149 -14.40 -1.47 5.62
CA ILE A 149 -13.46 -2.30 4.89
C ILE A 149 -12.70 -1.42 3.89
N SER A 150 -13.40 -0.42 3.31
CA SER A 150 -12.76 0.50 2.38
C SER A 150 -11.59 1.19 3.09
N VAL A 151 -11.91 1.72 4.26
CA VAL A 151 -10.91 2.45 5.01
C VAL A 151 -9.78 1.51 5.36
N SER A 152 -10.11 0.26 5.75
CA SER A 152 -9.06 -0.61 6.23
C SER A 152 -8.02 -0.75 5.13
N GLU A 153 -8.46 -0.75 3.86
CA GLU A 153 -7.54 -1.02 2.77
C GLU A 153 -6.69 0.22 2.60
N HIS A 154 -7.35 1.36 2.83
CA HIS A 154 -6.65 2.62 2.75
C HIS A 154 -5.51 2.69 3.76
N ALA A 155 -5.74 2.19 4.97
CA ALA A 155 -4.81 2.35 6.09
C ALA A 155 -3.55 1.53 5.85
N VAL A 156 -3.76 0.22 5.70
CA VAL A 156 -2.70 -0.73 5.42
C VAL A 156 -1.78 -0.17 4.34
N MET A 157 -2.41 0.33 3.25
CA MET A 157 -1.72 0.91 2.12
C MET A 157 -0.89 2.10 2.60
N MET A 158 -1.54 2.98 3.36
CA MET A 158 -0.87 4.16 3.90
C MET A 158 0.22 3.78 4.90
N ILE A 159 0.17 2.54 5.44
CA ILE A 159 1.27 2.09 6.28
C ILE A 159 2.45 1.79 5.39
N LEU A 160 2.30 0.80 4.49
CA LEU A 160 3.39 0.37 3.62
C LEU A 160 4.01 1.56 2.87
N SER A 161 3.19 2.53 2.44
CA SER A 161 3.70 3.73 1.78
C SER A 161 4.68 4.52 2.66
N LEU A 162 4.44 4.52 3.98
CA LEU A 162 5.28 5.26 4.90
C LEU A 162 6.57 4.48 5.18
N VAL A 163 6.40 3.28 5.81
CA VAL A 163 7.48 2.41 6.28
C VAL A 163 8.50 2.12 5.17
N ARG A 164 8.05 2.09 3.90
CA ARG A 164 8.87 1.78 2.74
C ARG A 164 9.22 3.04 1.94
N ASN A 165 8.57 4.17 2.27
CA ASN A 165 8.90 5.43 1.62
C ASN A 165 8.61 5.27 0.14
N TYR A 166 7.32 5.14 -0.19
CA TYR A 166 6.86 4.86 -1.54
C TYR A 166 6.83 6.19 -2.30
N ILE A 167 5.90 7.07 -1.90
CA ILE A 167 5.66 8.36 -2.53
C ILE A 167 6.96 9.02 -2.98
N PRO A 168 7.99 9.20 -2.11
CA PRO A 168 9.24 9.87 -2.51
C PRO A 168 9.96 9.17 -3.65
N ALA A 169 10.27 7.87 -3.48
CA ALA A 169 10.90 7.08 -4.54
C ALA A 169 10.10 7.21 -5.84
N HIS A 170 8.79 7.35 -5.71
CA HIS A 170 7.93 7.54 -6.87
C HIS A 170 8.25 8.90 -7.48
N GLU A 171 8.35 9.90 -6.59
CA GLU A 171 8.58 11.28 -7.00
C GLU A 171 9.85 11.36 -7.85
N TRP A 172 10.84 10.50 -7.54
CA TRP A 172 12.08 10.43 -8.31
C TRP A 172 11.79 9.99 -9.74
N ALA A 173 11.24 8.77 -9.89
CA ALA A 173 11.04 8.12 -11.18
C ALA A 173 10.15 8.93 -12.11
N GLU A 174 9.16 9.67 -11.54
CA GLU A 174 8.31 10.58 -12.29
C GLU A 174 9.12 11.69 -12.97
N LYS A 175 10.18 12.19 -12.30
CA LYS A 175 11.00 13.29 -12.78
C LYS A 175 12.33 12.78 -13.34
N GLY A 176 12.31 11.59 -13.95
CA GLY A 176 13.43 11.15 -14.78
C GLY A 176 14.52 10.39 -14.03
N GLY A 177 14.46 10.34 -12.70
CA GLY A 177 15.60 9.92 -11.91
C GLY A 177 15.77 8.41 -11.81
N TRP A 178 16.58 8.03 -10.81
CA TRP A 178 16.76 6.67 -10.36
C TRP A 178 17.02 6.70 -8.85
N ASN A 179 18.22 7.12 -8.44
CA ASN A 179 18.41 7.67 -7.10
C ASN A 179 18.25 6.59 -6.02
N ILE A 180 18.28 5.32 -6.44
CA ILE A 180 18.06 4.20 -5.52
C ILE A 180 18.55 4.55 -4.12
N ALA A 181 19.81 4.96 -4.04
CA ALA A 181 20.47 5.13 -2.75
C ALA A 181 19.68 6.08 -1.86
N ASP A 182 19.19 7.18 -2.44
CA ASP A 182 18.48 8.16 -1.63
C ASP A 182 17.08 7.62 -1.33
N CYS A 183 16.63 6.64 -2.11
CA CYS A 183 15.33 6.01 -1.89
C CYS A 183 15.35 5.13 -0.64
N VAL A 184 16.34 4.26 -0.52
CA VAL A 184 16.26 3.18 0.47
C VAL A 184 16.92 3.57 1.81
N GLU A 185 17.42 4.80 1.93
CA GLU A 185 17.88 5.25 3.23
C GLU A 185 16.70 5.33 4.22
N ARG A 186 15.47 5.57 3.72
CA ARG A 186 14.26 5.61 4.54
C ARG A 186 13.40 4.36 4.40
N SER A 187 13.86 3.37 3.64
CA SER A 187 12.97 2.31 3.22
C SER A 187 13.23 1.09 4.09
N TYR A 188 12.28 0.78 4.97
CA TYR A 188 12.34 -0.40 5.84
C TYR A 188 11.15 -1.31 5.49
N ASP A 189 11.38 -2.62 5.58
CA ASP A 189 10.30 -3.59 5.57
C ASP A 189 9.49 -3.38 6.83
N VAL A 190 8.21 -3.73 6.73
CA VAL A 190 7.30 -3.58 7.84
C VAL A 190 7.43 -4.84 8.67
N GLU A 191 8.03 -5.87 8.06
CA GLU A 191 8.08 -7.24 8.60
C GLU A 191 8.73 -7.26 9.99
N GLY A 192 8.06 -7.89 10.95
CA GLY A 192 8.58 -8.06 12.31
C GLY A 192 8.64 -6.75 13.09
N MET A 193 7.97 -5.71 12.61
CA MET A 193 7.81 -4.49 13.40
C MET A 193 6.59 -4.66 14.28
N HIS A 194 6.47 -3.73 15.25
CA HIS A 194 5.37 -3.70 16.21
C HIS A 194 4.38 -2.63 15.80
N VAL A 195 3.10 -3.00 15.72
CA VAL A 195 2.10 -2.15 15.08
C VAL A 195 0.85 -2.08 15.95
N GLY A 196 0.24 -0.88 16.05
CA GLY A 196 -0.74 -0.65 17.11
C GLY A 196 -1.98 0.10 16.64
N THR A 197 -3.14 -0.54 16.85
CA THR A 197 -4.41 0.07 16.50
C THR A 197 -5.08 0.61 17.74
N VAL A 198 -5.31 1.94 17.74
CA VAL A 198 -6.24 2.59 18.66
C VAL A 198 -7.65 2.18 18.27
N ALA A 199 -8.37 1.51 19.20
CA ALA A 199 -9.67 0.92 18.92
C ALA A 199 -9.49 -0.32 18.06
N ALA A 200 -10.39 -1.31 18.22
CA ALA A 200 -10.44 -2.46 17.33
C ALA A 200 -11.89 -2.73 16.94
N GLY A 201 -12.59 -1.66 16.52
CA GLY A 201 -13.91 -1.78 15.93
C GLY A 201 -13.81 -2.28 14.50
N ARG A 202 -14.77 -1.86 13.65
CA ARG A 202 -14.92 -2.55 12.38
C ARG A 202 -13.63 -2.34 11.62
N ILE A 203 -13.13 -1.10 11.64
CA ILE A 203 -11.90 -0.77 10.94
C ILE A 203 -10.71 -1.43 11.62
N GLY A 204 -10.43 -1.05 12.89
CA GLY A 204 -9.28 -1.57 13.63
C GLY A 204 -9.17 -3.11 13.59
N LEU A 205 -10.29 -3.83 13.57
CA LEU A 205 -10.22 -5.28 13.48
C LEU A 205 -9.87 -5.71 12.05
N ALA A 206 -10.43 -5.01 11.05
CA ALA A 206 -10.13 -5.23 9.63
C ALA A 206 -8.63 -5.08 9.41
N ILE A 207 -8.09 -3.96 9.93
CA ILE A 207 -6.71 -3.61 9.71
C ILE A 207 -5.79 -4.68 10.31
N LEU A 208 -6.21 -5.24 11.45
CA LEU A 208 -5.37 -6.19 12.16
C LEU A 208 -5.34 -7.52 11.42
N LYS A 209 -6.53 -7.96 11.04
CA LYS A 209 -6.66 -9.22 10.33
C LYS A 209 -5.77 -9.17 9.09
N ARG A 210 -5.65 -7.97 8.52
CA ARG A 210 -4.96 -7.75 7.25
C ARG A 210 -3.44 -7.64 7.40
N MET A 211 -2.95 -7.08 8.52
CA MET A 211 -1.53 -6.93 8.73
C MET A 211 -0.93 -8.22 9.29
N LYS A 212 -1.79 -9.14 9.73
CA LYS A 212 -1.32 -10.30 10.48
C LYS A 212 -0.43 -11.16 9.58
N PRO A 213 -0.81 -11.37 8.29
CA PRO A 213 0.00 -12.17 7.38
C PRO A 213 1.32 -11.50 7.03
N PHE A 214 1.52 -10.25 7.45
CA PHE A 214 2.76 -9.55 7.15
C PHE A 214 3.83 -9.85 8.19
N ASP A 215 3.55 -10.83 9.07
CA ASP A 215 4.44 -11.29 10.13
C ASP A 215 4.99 -10.11 10.94
N VAL A 216 4.06 -9.32 11.50
CA VAL A 216 4.36 -8.24 12.44
C VAL A 216 3.67 -8.59 13.77
N HIS A 217 4.07 -7.91 14.86
CA HIS A 217 3.54 -8.20 16.19
C HIS A 217 2.47 -7.17 16.58
N LEU A 218 1.27 -7.72 16.81
CA LEU A 218 0.04 -6.96 16.72
C LEU A 218 -0.44 -6.52 18.11
N HIS A 219 -0.39 -5.21 18.38
CA HIS A 219 -0.80 -4.64 19.67
C HIS A 219 -2.00 -3.73 19.48
N TYR A 220 -2.76 -3.43 20.56
CA TYR A 220 -3.96 -2.60 20.43
C TYR A 220 -4.61 -2.21 21.75
N TYR A 221 -5.08 -0.93 21.79
CA TYR A 221 -5.87 -0.37 22.89
C TYR A 221 -7.35 -0.27 22.51
N ALA A 222 -8.23 -0.83 23.35
CA ALA A 222 -9.65 -0.53 23.38
C ALA A 222 -10.12 -0.38 24.83
N ARG A 223 -11.38 0.04 25.02
CA ARG A 223 -11.93 0.27 26.35
C ARG A 223 -12.58 -1.01 26.89
N HIS A 224 -12.83 -1.98 26.01
CA HIS A 224 -13.20 -3.34 26.40
C HIS A 224 -12.37 -4.28 25.54
N ARG A 225 -12.08 -5.48 26.04
CA ARG A 225 -11.19 -6.39 25.34
C ARG A 225 -11.98 -7.11 24.26
N LEU A 226 -11.26 -7.84 23.40
CA LEU A 226 -11.89 -8.70 22.43
C LEU A 226 -12.09 -10.06 23.09
N SER A 227 -12.82 -10.94 22.38
CA SER A 227 -12.96 -12.32 22.78
C SER A 227 -11.56 -12.92 22.90
N LYS A 228 -11.47 -14.12 23.51
CA LYS A 228 -10.20 -14.81 23.63
C LYS A 228 -9.84 -15.42 22.26
N GLU A 229 -10.82 -16.03 21.58
CA GLU A 229 -10.54 -16.76 20.35
C GLU A 229 -10.20 -15.78 19.23
N GLU A 230 -10.77 -14.58 19.28
CA GLU A 230 -10.32 -13.47 18.44
C GLU A 230 -8.86 -13.16 18.74
N GLU A 231 -8.59 -12.78 20.00
CA GLU A 231 -7.26 -12.36 20.44
C GLU A 231 -6.19 -13.42 20.18
N GLU A 232 -6.60 -14.70 20.18
CA GLU A 232 -5.66 -15.80 19.98
C GLU A 232 -5.45 -16.04 18.49
N GLU A 233 -6.54 -16.19 17.71
CA GLU A 233 -6.48 -16.33 16.25
C GLU A 233 -5.63 -15.21 15.64
N LEU A 234 -5.77 -13.99 16.13
CA LEU A 234 -4.97 -12.92 15.56
C LEU A 234 -3.64 -12.81 16.29
N GLY A 235 -3.63 -13.18 17.58
CA GLY A 235 -2.40 -13.17 18.35
C GLY A 235 -2.02 -11.75 18.72
N LEU A 236 -2.91 -11.12 19.48
CA LEU A 236 -2.79 -9.71 19.80
C LEU A 236 -2.08 -9.55 21.14
N THR A 237 -1.76 -8.30 21.47
CA THR A 237 -1.28 -7.95 22.80
C THR A 237 -2.09 -6.74 23.26
N PHE A 238 -3.01 -6.99 24.21
CA PHE A 238 -3.91 -5.97 24.72
C PHE A 238 -3.15 -4.94 25.55
N HIS A 239 -3.65 -3.71 25.60
CA HIS A 239 -3.02 -2.58 26.30
C HIS A 239 -4.08 -1.66 26.89
N GLU A 240 -4.06 -1.48 28.22
CA GLU A 240 -5.04 -0.68 28.92
C GLU A 240 -4.77 0.80 28.64
N ASN A 241 -3.53 1.24 28.89
CA ASN A 241 -3.16 2.58 28.49
C ASN A 241 -2.87 2.60 26.99
N VAL A 242 -3.16 3.75 26.37
CA VAL A 242 -2.66 4.02 25.04
C VAL A 242 -1.20 4.43 25.20
N GLU A 243 -0.91 5.14 26.30
CA GLU A 243 0.46 5.33 26.75
C GLU A 243 1.22 4.01 26.56
N ASP A 244 0.79 2.97 27.29
CA ASP A 244 1.37 1.65 27.24
C ASP A 244 1.79 1.27 25.82
N MET A 245 0.85 1.41 24.89
CA MET A 245 0.98 0.87 23.55
C MET A 245 1.98 1.72 22.75
N VAL A 246 1.91 3.05 22.87
CA VAL A 246 2.71 3.93 22.02
C VAL A 246 4.22 3.83 22.32
N LYS A 247 4.60 3.26 23.48
CA LYS A 247 6.02 3.06 23.82
C LYS A 247 6.67 1.97 22.95
N VAL A 248 5.93 0.88 22.70
CA VAL A 248 6.44 -0.33 22.07
C VAL A 248 6.23 -0.31 20.54
N CYS A 249 5.22 0.41 20.02
CA CYS A 249 4.85 0.32 18.61
C CYS A 249 5.61 1.34 17.75
N ASP A 250 6.11 0.82 16.60
CA ASP A 250 6.76 1.62 15.59
C ASP A 250 5.73 2.16 14.60
N VAL A 251 4.63 1.41 14.39
CA VAL A 251 3.49 1.94 13.65
C VAL A 251 2.24 1.95 14.54
N VAL A 252 1.54 3.09 14.51
CA VAL A 252 0.23 3.19 15.12
C VAL A 252 -0.78 3.60 14.06
N THR A 253 -1.85 2.82 13.92
CA THR A 253 -3.03 3.30 13.21
C THR A 253 -4.09 3.69 14.24
N ILE A 254 -4.57 4.92 14.10
CA ILE A 254 -5.74 5.43 14.79
C ILE A 254 -7.00 4.96 14.06
N ASN A 255 -7.95 4.34 14.78
CA ASN A 255 -9.17 3.80 14.18
C ASN A 255 -10.36 3.90 15.15
N ALA A 256 -10.41 5.02 15.88
CA ALA A 256 -11.41 5.29 16.90
C ALA A 256 -12.21 6.55 16.57
N PRO A 257 -13.52 6.64 16.95
CA PRO A 257 -14.34 7.81 16.66
C PRO A 257 -13.84 9.08 17.38
N LEU A 258 -14.20 10.25 16.87
CA LEU A 258 -13.90 11.53 17.52
C LEU A 258 -15.03 11.90 18.49
N HIS A 259 -14.74 11.81 19.80
CA HIS A 259 -15.53 12.43 20.84
C HIS A 259 -14.57 12.92 21.91
N PRO A 260 -15.02 13.64 22.97
CA PRO A 260 -14.08 14.35 23.86
C PRO A 260 -13.06 13.48 24.59
N GLU A 261 -13.36 12.20 24.83
CA GLU A 261 -12.33 11.28 25.31
C GLU A 261 -11.12 11.35 24.37
N THR A 262 -11.37 11.27 23.06
CA THR A 262 -10.33 11.07 22.06
C THR A 262 -9.84 12.41 21.49
N HIS A 263 -10.49 13.52 21.82
CA HIS A 263 -10.01 14.82 21.37
C HIS A 263 -8.54 14.97 21.73
N HIS A 264 -7.68 15.21 20.74
CA HIS A 264 -6.29 15.57 21.01
C HIS A 264 -5.58 14.51 21.86
N MET A 265 -6.04 13.25 21.82
CA MET A 265 -5.37 12.12 22.46
C MET A 265 -3.89 12.10 22.07
N PHE A 266 -3.59 12.38 20.80
CA PHE A 266 -2.22 12.42 20.31
C PHE A 266 -1.77 13.88 20.23
N ASP A 267 -1.70 14.51 21.42
CA ASP A 267 -1.12 15.82 21.65
C ASP A 267 0.37 15.63 21.92
N GLU A 268 1.12 16.74 21.99
CA GLU A 268 2.56 16.66 22.19
C GLU A 268 2.89 15.75 23.38
N ALA A 269 2.00 15.73 24.38
CA ALA A 269 2.10 14.84 25.53
C ALA A 269 2.42 13.40 25.11
N MET A 270 1.52 12.81 24.31
CA MET A 270 1.58 11.38 24.00
C MET A 270 2.76 11.06 23.07
N ILE A 271 3.10 12.03 22.22
CA ILE A 271 4.21 11.94 21.28
C ILE A 271 5.54 11.64 21.98
N LYS A 272 5.74 12.15 23.20
CA LYS A 272 6.95 11.85 23.96
C LYS A 272 7.33 10.37 23.83
N LYS A 273 6.43 9.49 24.30
CA LYS A 273 6.75 8.10 24.63
C LYS A 273 6.85 7.21 23.39
N MET A 274 6.56 7.78 22.21
CA MET A 274 6.66 7.06 20.96
C MET A 274 8.13 6.88 20.63
N LYS A 275 8.47 5.72 20.06
CA LYS A 275 9.84 5.44 19.66
C LYS A 275 10.29 6.43 18.59
N ARG A 276 11.56 6.82 18.61
CA ARG A 276 12.15 7.62 17.54
C ARG A 276 11.90 6.91 16.21
N GLY A 277 11.58 7.68 15.16
CA GLY A 277 11.28 7.12 13.84
C GLY A 277 9.99 6.27 13.75
N ALA A 278 9.09 6.37 14.74
CA ALA A 278 7.79 5.72 14.67
C ALA A 278 6.92 6.42 13.62
N TYR A 279 5.75 5.82 13.36
CA TYR A 279 4.87 6.22 12.27
C TYR A 279 3.43 6.27 12.75
N ILE A 280 2.66 7.25 12.26
CA ILE A 280 1.24 7.34 12.54
C ILE A 280 0.44 7.38 11.24
N VAL A 281 -0.50 6.41 11.09
CA VAL A 281 -1.56 6.48 10.10
C VAL A 281 -2.84 6.87 10.82
N ASN A 282 -3.38 8.07 10.53
CA ASN A 282 -4.64 8.50 11.10
C ASN A 282 -5.72 8.60 10.03
N THR A 283 -6.59 7.56 10.01
CA THR A 283 -7.72 7.43 9.08
C THR A 283 -9.05 7.65 9.79
N ALA A 284 -9.01 7.87 11.10
CA ALA A 284 -10.21 7.99 11.92
C ALA A 284 -10.72 9.42 11.86
N ARG A 285 -10.12 10.33 12.65
CA ARG A 285 -10.46 11.75 12.62
C ARG A 285 -9.25 12.58 13.07
N ALA A 286 -9.09 13.75 12.43
CA ALA A 286 -7.89 14.56 12.54
C ALA A 286 -7.71 15.04 13.98
N GLU A 287 -8.84 15.45 14.58
CA GLU A 287 -8.85 16.09 15.88
C GLU A 287 -8.56 15.10 17.00
N ILE A 288 -8.27 13.85 16.62
CA ILE A 288 -7.73 12.88 17.57
C ILE A 288 -6.24 13.15 17.74
N CYS A 289 -5.64 13.77 16.73
CA CYS A 289 -4.27 14.26 16.84
C CYS A 289 -4.33 15.78 16.98
N ASP A 290 -3.37 16.35 17.74
CA ASP A 290 -3.12 17.77 17.73
C ASP A 290 -2.31 18.09 16.47
N ARG A 291 -2.92 18.83 15.54
CA ARG A 291 -2.30 19.13 14.27
C ARG A 291 -0.88 19.63 14.52
N ASP A 292 -0.78 20.76 15.23
CA ASP A 292 0.49 21.45 15.36
C ASP A 292 1.51 20.62 16.14
N ALA A 293 1.03 19.63 16.92
CA ALA A 293 1.93 18.71 17.58
C ALA A 293 2.53 17.76 16.54
N ILE A 294 1.67 17.09 15.78
CA ILE A 294 2.10 16.12 14.77
C ILE A 294 3.20 16.75 13.92
N VAL A 295 2.89 17.88 13.29
CA VAL A 295 3.84 18.55 12.40
C VAL A 295 5.25 18.51 12.98
N ARG A 296 5.42 19.17 14.14
CA ARG A 296 6.71 19.31 14.78
C ARG A 296 7.38 17.93 14.88
N ALA A 297 6.73 16.98 15.56
CA ALA A 297 7.34 15.69 15.86
C ALA A 297 7.89 15.02 14.60
N VAL A 298 7.39 15.41 13.42
CA VAL A 298 7.94 14.96 12.15
C VAL A 298 9.14 15.84 11.81
N GLU A 299 8.91 17.16 11.75
CA GLU A 299 9.99 18.11 11.53
C GLU A 299 11.12 17.84 12.50
N SER A 300 10.78 17.73 13.80
CA SER A 300 11.74 17.38 14.84
C SER A 300 12.45 16.08 14.46
N GLY A 301 11.71 15.10 13.93
CA GLY A 301 12.28 13.84 13.49
C GLY A 301 12.01 12.70 14.48
N HIS A 302 11.25 12.98 15.55
CA HIS A 302 10.88 11.93 16.49
C HIS A 302 9.95 10.89 15.84
N LEU A 303 9.11 11.37 14.92
CA LEU A 303 8.25 10.56 14.06
C LEU A 303 8.87 10.46 12.68
N ALA A 304 9.02 9.22 12.18
CA ALA A 304 9.47 9.01 10.81
C ALA A 304 8.43 9.56 9.82
N GLY A 305 7.15 9.23 10.04
CA GLY A 305 6.09 9.67 9.14
C GLY A 305 4.68 9.62 9.73
N TYR A 306 3.83 10.55 9.21
CA TYR A 306 2.39 10.52 9.37
C TYR A 306 1.71 10.50 8.00
N ALA A 307 0.70 9.64 7.88
CA ALA A 307 -0.22 9.66 6.76
C ALA A 307 -1.67 9.51 7.25
N GLY A 308 -2.63 9.97 6.42
CA GLY A 308 -4.05 9.95 6.77
C GLY A 308 -4.91 10.53 5.64
N ASP A 309 -6.23 10.30 5.69
CA ASP A 309 -7.13 10.92 4.72
C ASP A 309 -8.11 11.86 5.42
N VAL A 310 -8.14 11.84 6.75
CA VAL A 310 -8.96 12.77 7.49
C VAL A 310 -8.15 14.03 7.83
N TRP A 311 -8.85 15.18 7.81
CA TRP A 311 -8.30 16.51 8.07
C TRP A 311 -9.24 17.27 9.00
N ASN A 312 -9.02 18.59 9.13
CA ASN A 312 -9.94 19.52 9.79
C ASN A 312 -9.57 20.97 9.48
N PRO A 313 -10.54 21.86 9.19
CA PRO A 313 -11.90 21.45 8.85
C PRO A 313 -11.82 20.68 7.54
N GLN A 314 -12.99 20.50 6.91
CA GLN A 314 -13.09 19.85 5.62
C GLN A 314 -14.08 20.65 4.77
N PRO A 315 -13.67 21.14 3.58
CA PRO A 315 -12.30 21.00 3.10
C PRO A 315 -11.32 21.63 4.09
N ALA A 316 -10.07 21.15 4.05
CA ALA A 316 -8.99 21.76 4.82
C ALA A 316 -8.50 22.96 4.03
N PRO A 317 -7.99 24.02 4.70
CA PRO A 317 -7.52 25.20 3.99
C PRO A 317 -6.24 24.86 3.24
N ALA A 318 -6.14 25.39 2.01
CA ALA A 318 -4.98 25.25 1.15
C ALA A 318 -3.67 25.28 1.95
N ASP A 319 -3.63 26.12 3.00
CA ASP A 319 -2.41 26.35 3.75
C ASP A 319 -2.24 25.35 4.90
N HIS A 320 -3.01 24.24 4.92
CA HIS A 320 -2.96 23.30 6.03
C HIS A 320 -1.61 22.57 6.04
N PRO A 321 -0.76 22.78 7.07
CA PRO A 321 0.62 22.27 7.09
C PRO A 321 0.85 20.79 6.79
N TRP A 322 -0.13 19.96 7.14
CA TRP A 322 -0.06 18.53 6.90
C TRP A 322 0.17 18.26 5.40
N ARG A 323 -0.44 19.08 4.53
CA ARG A 323 -0.38 18.86 3.10
C ARG A 323 1.05 18.81 2.59
N THR A 324 1.87 19.74 3.12
CA THR A 324 3.21 20.05 2.61
C THR A 324 4.26 19.46 3.55
N MET A 325 3.87 19.26 4.82
CA MET A 325 4.67 18.61 5.86
C MET A 325 5.59 17.51 5.30
N PRO A 326 6.77 17.30 5.92
CA PRO A 326 7.71 16.25 5.52
C PRO A 326 7.20 14.81 5.55
N TRP A 327 7.34 14.10 4.43
CA TRP A 327 7.03 12.68 4.32
C TRP A 327 5.54 12.40 4.51
N ASN A 328 4.68 13.38 4.19
CA ASN A 328 3.27 13.19 4.42
C ASN A 328 2.79 12.17 3.39
N GLY A 329 2.03 11.17 3.84
CA GLY A 329 1.42 10.22 2.92
C GLY A 329 -0.05 10.54 2.71
N MET A 330 -0.39 11.83 2.74
CA MET A 330 -1.76 12.28 2.89
C MET A 330 -2.57 11.99 1.63
N THR A 331 -3.90 11.82 1.83
CA THR A 331 -4.85 12.12 0.78
C THR A 331 -6.00 12.96 1.34
N PRO A 332 -6.81 13.63 0.49
CA PRO A 332 -8.12 14.11 0.88
C PRO A 332 -8.92 12.94 1.44
N HIS A 333 -10.03 13.27 2.10
CA HIS A 333 -10.93 12.31 2.73
C HIS A 333 -11.68 11.53 1.65
N MET A 334 -11.16 10.34 1.31
CA MET A 334 -11.53 9.64 0.08
C MET A 334 -11.68 8.12 0.30
N SER A 335 -11.49 7.66 1.54
CA SER A 335 -11.42 6.22 1.78
C SER A 335 -12.86 5.71 1.96
N GLY A 336 -13.69 6.53 2.60
CA GLY A 336 -15.04 6.10 2.88
C GLY A 336 -15.89 6.17 1.63
N THR A 337 -15.39 6.91 0.63
CA THR A 337 -16.19 7.25 -0.54
C THR A 337 -15.44 6.79 -1.78
N SER A 338 -14.77 5.64 -1.70
CA SER A 338 -14.44 4.91 -2.91
C SER A 338 -15.77 4.53 -3.55
N LEU A 339 -15.75 4.26 -4.85
CA LEU A 339 -16.96 3.86 -5.56
C LEU A 339 -17.57 2.62 -4.92
N SER A 340 -16.73 1.61 -4.62
CA SER A 340 -17.12 0.45 -3.86
C SER A 340 -17.91 0.79 -2.58
N GLY A 341 -17.43 1.72 -1.76
CA GLY A 341 -18.13 2.04 -0.52
C GLY A 341 -19.31 3.00 -0.71
N GLN A 342 -19.23 3.79 -1.77
CA GLN A 342 -20.27 4.74 -2.11
C GLN A 342 -21.56 3.97 -2.33
N ALA A 343 -21.42 2.90 -3.10
CA ALA A 343 -22.43 1.87 -3.32
C ALA A 343 -23.24 1.59 -2.07
N ARG A 344 -22.55 1.38 -0.93
CA ARG A 344 -23.22 0.87 0.26
C ARG A 344 -23.81 2.01 1.08
N TYR A 345 -23.11 3.14 1.26
CA TYR A 345 -23.62 4.17 2.15
C TYR A 345 -24.79 4.92 1.50
N THR A 346 -24.88 4.86 0.17
CA THR A 346 -25.99 5.47 -0.56
C THR A 346 -27.22 4.60 -0.40
N ALA A 347 -27.08 3.30 -0.69
CA ALA A 347 -28.12 2.33 -0.36
C ALA A 347 -28.66 2.66 1.03
N GLY A 348 -27.89 2.37 2.07
CA GLY A 348 -28.24 2.72 3.44
C GLY A 348 -28.92 4.10 3.54
N THR A 349 -28.35 5.12 2.91
CA THR A 349 -28.97 6.43 3.00
C THR A 349 -30.43 6.29 2.56
N ARG A 350 -30.68 5.66 1.41
CA ARG A 350 -32.05 5.35 0.99
C ARG A 350 -32.80 4.58 2.08
N GLU A 351 -32.32 3.36 2.42
CA GLU A 351 -32.94 2.48 3.40
C GLU A 351 -33.46 3.29 4.58
N ILE A 352 -32.64 4.25 5.03
CA ILE A 352 -32.86 4.96 6.28
C ILE A 352 -33.95 6.03 6.08
N LEU A 353 -33.99 6.61 4.89
CA LEU A 353 -35.04 7.53 4.49
C LEU A 353 -36.36 6.79 4.37
N GLU A 354 -36.30 5.55 3.83
CA GLU A 354 -37.47 4.71 3.61
C GLU A 354 -38.22 4.47 4.92
N CYS A 355 -37.50 4.00 5.94
CA CYS A 355 -38.12 3.63 7.21
C CYS A 355 -38.67 4.87 7.91
N TRP A 356 -37.96 5.99 7.73
CA TRP A 356 -38.40 7.28 8.25
C TRP A 356 -39.65 7.79 7.52
N PHE A 357 -39.73 7.60 6.20
CA PHE A 357 -40.85 8.09 5.40
C PHE A 357 -42.06 7.17 5.50
N GLU A 358 -41.83 5.86 5.69
CA GLU A 358 -42.91 4.90 5.82
C GLU A 358 -43.13 4.55 7.28
N GLY A 359 -42.66 5.42 8.20
CA GLY A 359 -43.03 5.30 9.60
C GLY A 359 -42.36 4.12 10.32
N ARG A 360 -41.80 3.17 9.55
CA ARG A 360 -41.22 1.94 10.08
C ARG A 360 -39.87 2.27 10.75
N PRO A 361 -39.28 1.38 11.58
CA PRO A 361 -38.09 1.75 12.37
C PRO A 361 -36.78 1.78 11.58
N ILE A 362 -35.68 2.22 12.24
CA ILE A 362 -34.36 2.39 11.63
C ILE A 362 -33.34 1.54 12.40
N ARG A 363 -32.57 0.70 11.68
CA ARG A 363 -31.70 -0.29 12.32
C ARG A 363 -31.00 0.33 13.54
N GLU A 364 -30.74 -0.50 14.55
CA GLU A 364 -30.05 -0.06 15.74
C GLU A 364 -28.68 0.45 15.32
N ASP A 365 -28.11 -0.27 14.36
CA ASP A 365 -26.72 -0.10 13.97
C ASP A 365 -26.54 1.27 13.31
N TYR A 366 -27.58 1.74 12.60
CA TYR A 366 -27.52 3.00 11.86
C TYR A 366 -27.79 4.19 12.78
N VAL A 367 -28.25 3.93 14.00
CA VAL A 367 -28.72 4.99 14.88
C VAL A 367 -27.58 5.40 15.80
N ILE A 368 -27.24 6.69 15.76
CA ILE A 368 -26.33 7.29 16.72
C ILE A 368 -27.15 7.94 17.82
N VAL A 369 -28.07 8.84 17.43
CA VAL A 369 -28.92 9.56 18.38
C VAL A 369 -30.37 9.36 17.97
N ASP A 370 -31.20 8.87 18.91
CA ASP A 370 -32.64 8.97 18.77
C ASP A 370 -33.26 9.33 20.12
N GLY A 371 -34.11 10.37 20.12
CA GLY A 371 -35.03 10.66 21.20
C GLY A 371 -34.37 11.23 22.45
N GLY A 372 -33.16 11.78 22.31
CA GLY A 372 -32.53 12.55 23.38
C GLY A 372 -31.43 11.80 24.14
N LYS A 373 -30.95 10.68 23.57
CA LYS A 373 -29.88 9.90 24.18
C LYS A 373 -29.04 9.22 23.09
N LEU A 374 -27.74 9.04 23.37
CA LEU A 374 -26.89 8.17 22.58
C LEU A 374 -27.44 6.74 22.63
N ALA A 375 -28.01 6.29 21.50
CA ALA A 375 -28.62 4.96 21.40
C ALA A 375 -27.94 4.17 20.29
N GLY A 376 -28.09 2.85 20.33
CA GLY A 376 -27.49 1.96 19.36
C GLY A 376 -25.96 2.07 19.34
N THR A 377 -25.41 2.42 18.18
CA THR A 377 -23.98 2.54 17.97
C THR A 377 -23.42 3.68 18.83
N GLY A 378 -24.19 4.77 18.96
CA GLY A 378 -23.81 5.91 19.78
C GLY A 378 -23.40 5.48 21.19
N ALA A 379 -24.19 4.57 21.78
CA ALA A 379 -24.04 4.16 23.17
C ALA A 379 -22.76 3.36 23.38
N LEU A 380 -22.31 2.64 22.37
CA LEU A 380 -21.18 1.72 22.52
C LEU A 380 -19.87 2.44 22.16
N SER A 381 -19.97 3.41 21.23
CA SER A 381 -18.81 3.98 20.57
C SER A 381 -18.57 5.43 20.99
N TYR A 382 -19.64 6.25 21.04
CA TYR A 382 -19.54 7.69 21.28
C TYR A 382 -19.79 7.98 22.77
N THR A 383 -19.34 9.17 23.22
CA THR A 383 -19.57 9.64 24.58
C THR A 383 -20.42 10.92 24.54
N ALA B 2 43.42 -13.67 -5.73
CA ALA B 2 42.14 -13.36 -6.40
C ALA B 2 41.86 -11.86 -6.31
N LYS B 3 41.40 -11.26 -7.41
CA LYS B 3 40.81 -9.94 -7.35
C LYS B 3 39.28 -10.09 -7.25
N ILE B 4 38.68 -9.36 -6.30
CA ILE B 4 37.22 -9.20 -6.18
C ILE B 4 36.81 -7.84 -6.76
N LEU B 5 35.74 -7.90 -7.56
CA LEU B 5 35.21 -6.76 -8.30
C LEU B 5 33.72 -6.64 -8.00
N CYS B 6 33.37 -5.66 -7.14
CA CYS B 6 32.01 -5.47 -6.66
C CYS B 6 31.44 -4.14 -7.16
N VAL B 7 30.27 -4.19 -7.82
CA VAL B 7 29.65 -3.01 -8.41
C VAL B 7 28.46 -2.60 -7.54
N LEU B 8 28.46 -1.34 -7.08
CA LEU B 8 27.46 -0.80 -6.18
C LEU B 8 26.85 0.44 -6.85
N TYR B 9 25.92 1.13 -6.17
CA TYR B 9 25.22 2.25 -6.78
C TYR B 9 25.57 3.56 -6.06
N PRO B 10 25.37 4.70 -6.78
CA PRO B 10 25.61 6.03 -6.20
C PRO B 10 25.08 6.09 -4.77
N ASP B 11 25.90 6.63 -3.86
CA ASP B 11 25.44 7.13 -2.56
C ASP B 11 24.39 8.22 -2.76
N PRO B 12 23.59 8.55 -1.71
CA PRO B 12 22.60 9.64 -1.76
C PRO B 12 23.15 10.99 -2.20
N VAL B 13 22.44 11.69 -3.11
CA VAL B 13 22.89 12.96 -3.66
C VAL B 13 23.41 13.88 -2.54
N ASN B 14 22.84 13.75 -1.34
CA ASN B 14 23.27 14.52 -0.17
C ASN B 14 24.20 13.69 0.71
N GLY B 15 25.14 12.97 0.10
CA GLY B 15 26.15 12.20 0.83
C GLY B 15 25.60 10.97 1.53
N TYR B 16 26.40 9.91 1.59
CA TYR B 16 26.13 8.78 2.45
C TYR B 16 25.69 9.29 3.82
N PRO B 17 24.57 8.80 4.43
CA PRO B 17 23.95 9.48 5.56
C PRO B 17 24.66 9.27 6.89
N LYS B 18 24.67 10.30 7.76
CA LYS B 18 25.31 10.19 9.06
C LYS B 18 24.38 9.44 10.03
N THR B 19 23.09 9.84 10.04
CA THR B 19 22.09 9.16 10.86
C THR B 19 20.90 8.71 10.03
N TYR B 20 20.26 7.64 10.54
CA TYR B 20 19.04 7.06 10.00
C TYR B 20 17.93 7.18 11.05
N ALA B 21 16.70 7.53 10.58
CA ALA B 21 15.55 7.82 11.45
C ALA B 21 15.08 6.62 12.29
N ARG B 22 15.80 5.49 12.28
CA ARG B 22 15.58 4.45 13.27
C ARG B 22 16.92 3.94 13.82
N ASP B 23 16.83 3.19 14.94
CA ASP B 23 17.99 2.80 15.75
C ASP B 23 18.13 1.28 15.80
N GLU B 24 17.43 0.55 14.91
CA GLU B 24 17.51 -0.90 14.86
C GLU B 24 16.37 -1.42 13.98
N ILE B 25 16.49 -2.68 13.52
CA ILE B 25 15.53 -3.32 12.64
C ILE B 25 15.30 -4.75 13.13
N PRO B 26 14.18 -5.40 12.82
CA PRO B 26 13.89 -6.72 13.39
C PRO B 26 14.99 -7.73 13.06
N ASN B 27 14.93 -8.88 13.72
CA ASN B 27 15.97 -9.88 13.60
C ASN B 27 15.40 -11.11 12.92
N ILE B 28 15.42 -11.10 11.59
CA ILE B 28 14.80 -12.16 10.81
C ILE B 28 15.86 -13.26 10.64
N THR B 29 15.50 -14.47 11.08
CA THR B 29 16.43 -15.58 11.18
C THR B 29 15.90 -16.81 10.43
N VAL B 30 14.57 -17.01 10.38
CA VAL B 30 14.01 -18.12 9.63
C VAL B 30 13.09 -17.52 8.55
N TYR B 31 12.73 -18.35 7.56
CA TYR B 31 11.83 -18.00 6.46
C TYR B 31 10.64 -18.95 6.44
N ASP B 32 9.65 -18.64 5.60
CA ASP B 32 8.31 -19.19 5.75
C ASP B 32 8.23 -20.61 5.18
N ASN B 33 9.35 -21.11 4.62
CA ASN B 33 9.44 -22.46 4.05
C ASN B 33 10.34 -23.36 4.88
N GLY B 34 10.79 -22.89 6.06
CA GLY B 34 11.79 -23.57 6.85
C GLY B 34 13.19 -22.99 6.62
N GLN B 35 13.57 -22.82 5.36
CA GLN B 35 14.89 -22.31 5.01
C GLN B 35 15.37 -21.32 6.08
N THR B 36 16.67 -21.37 6.37
CA THR B 36 17.33 -20.42 7.24
C THR B 36 17.70 -19.16 6.48
N ALA B 37 17.76 -18.05 7.22
CA ALA B 37 18.35 -16.82 6.71
C ALA B 37 19.85 -17.03 6.50
N PRO B 38 20.63 -16.06 5.93
CA PRO B 38 22.07 -16.20 5.84
C PRO B 38 22.63 -16.66 7.19
N THR B 39 23.77 -17.38 7.17
CA THR B 39 24.50 -17.76 8.38
C THR B 39 25.98 -17.40 8.26
N PRO B 40 26.36 -16.13 7.97
CA PRO B 40 27.77 -15.76 7.91
C PRO B 40 28.47 -15.88 9.26
N LYS B 41 29.80 -15.77 9.25
CA LYS B 41 30.59 -15.89 10.46
C LYS B 41 30.66 -14.51 11.14
N ALA B 42 30.72 -13.44 10.35
CA ALA B 42 30.81 -12.11 10.92
C ALA B 42 30.35 -11.05 9.92
N ILE B 43 30.25 -9.79 10.39
CA ILE B 43 29.92 -8.66 9.54
C ILE B 43 30.75 -7.44 9.91
N ASP B 44 30.74 -6.42 9.04
CA ASP B 44 31.51 -5.20 9.22
C ASP B 44 30.60 -3.99 8.99
N PHE B 45 29.32 -4.11 9.41
CA PHE B 45 28.26 -3.11 9.24
C PHE B 45 27.20 -3.31 10.33
N LYS B 46 26.47 -2.25 10.67
CA LYS B 46 25.36 -2.37 11.62
C LYS B 46 24.07 -2.70 10.85
N PRO B 47 23.38 -3.86 11.08
CA PRO B 47 22.17 -4.23 10.32
C PRO B 47 21.18 -3.08 10.27
N GLY B 48 21.15 -2.36 9.14
CA GLY B 48 20.23 -1.24 8.97
C GLY B 48 20.91 0.03 8.46
N GLU B 49 22.21 -0.04 8.14
CA GLU B 49 22.87 1.01 7.39
C GLU B 49 22.81 0.71 5.89
N LEU B 50 22.85 1.77 5.08
CA LEU B 50 22.97 1.69 3.62
C LEU B 50 24.27 0.96 3.24
N LEU B 51 24.09 -0.24 2.65
CA LEU B 51 25.17 -1.17 2.31
C LEU B 51 25.39 -1.26 0.79
N GLY B 52 24.32 -1.24 0.00
CA GLY B 52 24.40 -1.37 -1.44
C GLY B 52 24.87 -0.09 -2.12
N SER B 53 25.11 0.97 -1.33
CA SER B 53 25.83 2.14 -1.81
C SER B 53 27.33 1.85 -1.90
N VAL B 54 28.03 2.61 -2.76
CA VAL B 54 29.48 2.52 -2.96
C VAL B 54 30.20 2.36 -1.61
N SER B 55 29.95 3.35 -0.72
CA SER B 55 30.57 3.46 0.60
C SER B 55 30.20 2.30 1.53
N GLY B 56 29.17 1.51 1.17
CA GLY B 56 28.74 0.39 2.00
C GLY B 56 29.63 -0.82 1.84
N GLU B 57 30.01 -1.12 0.60
CA GLU B 57 30.97 -2.18 0.34
C GLU B 57 30.50 -3.48 1.02
N LEU B 58 29.21 -3.52 1.39
CA LEU B 58 28.54 -4.69 1.97
C LEU B 58 29.31 -5.27 3.15
N GLY B 59 30.14 -4.43 3.80
CA GLY B 59 30.93 -4.83 4.97
C GLY B 59 31.85 -6.01 4.66
N LEU B 60 32.76 -5.78 3.69
CA LEU B 60 33.64 -6.81 3.15
C LEU B 60 35.12 -6.39 3.19
N ARG B 61 35.40 -5.09 3.01
CA ARG B 61 36.74 -4.54 2.80
C ARG B 61 37.67 -4.82 3.98
N LYS B 62 37.13 -5.37 5.08
CA LYS B 62 37.94 -5.77 6.22
C LYS B 62 38.06 -7.29 6.26
N TYR B 63 37.12 -7.99 5.62
CA TYR B 63 37.16 -9.45 5.53
C TYR B 63 38.19 -9.90 4.51
N LEU B 64 38.08 -9.35 3.29
CA LEU B 64 38.82 -9.81 2.12
C LEU B 64 40.32 -9.56 2.24
N GLU B 65 40.69 -8.54 3.03
CA GLU B 65 42.06 -8.04 3.08
C GLU B 65 42.78 -8.57 4.31
N GLY B 66 42.04 -9.05 5.30
CA GLY B 66 42.61 -9.92 6.34
C GLY B 66 43.06 -11.24 5.72
N LEU B 67 42.18 -11.81 4.89
CA LEU B 67 42.47 -12.92 3.99
C LEU B 67 43.46 -12.52 2.90
N GLY B 68 43.56 -11.22 2.62
CA GLY B 68 44.61 -10.68 1.78
C GLY B 68 44.29 -10.83 0.29
N HIS B 69 43.06 -10.48 -0.10
CA HIS B 69 42.64 -10.37 -1.49
C HIS B 69 42.22 -8.92 -1.77
N GLU B 70 42.15 -8.56 -3.05
CA GLU B 70 41.98 -7.19 -3.50
C GLU B 70 40.50 -6.93 -3.78
N PHE B 71 40.00 -5.71 -3.45
CA PHE B 71 38.56 -5.43 -3.40
C PHE B 71 38.22 -4.13 -4.13
N ILE B 72 37.57 -4.26 -5.29
CA ILE B 72 37.24 -3.12 -6.14
C ILE B 72 35.74 -2.83 -6.06
N VAL B 73 35.38 -1.53 -6.14
CA VAL B 73 34.05 -1.04 -5.89
C VAL B 73 33.80 0.19 -6.78
N THR B 74 32.79 0.12 -7.67
CA THR B 74 32.44 1.23 -8.54
C THR B 74 30.94 1.28 -8.88
N SER B 75 30.50 2.46 -9.35
CA SER B 75 29.18 2.67 -9.91
C SER B 75 29.30 3.30 -11.30
N ASP B 76 30.28 2.78 -12.07
CA ASP B 76 30.58 3.14 -13.46
C ASP B 76 30.73 1.86 -14.27
N LYS B 77 29.71 1.50 -15.06
CA LYS B 77 29.70 0.20 -15.73
C LYS B 77 29.21 0.30 -17.17
N GLU B 78 28.99 1.52 -17.69
CA GLU B 78 28.47 1.70 -19.05
C GLU B 78 29.60 2.13 -19.98
N GLY B 79 29.43 1.81 -21.27
CA GLY B 79 30.42 2.12 -22.31
C GLY B 79 31.64 1.19 -22.28
N PRO B 80 32.68 1.47 -23.10
CA PRO B 80 34.02 0.93 -22.86
C PRO B 80 34.72 1.59 -21.66
N ASP B 81 34.37 2.87 -21.40
CA ASP B 81 34.92 3.71 -20.34
C ASP B 81 34.89 3.03 -18.97
N SER B 82 33.82 2.28 -18.71
CA SER B 82 33.61 1.58 -17.45
C SER B 82 34.91 1.22 -16.74
N GLU B 83 35.12 1.78 -15.55
CA GLU B 83 36.00 1.21 -14.53
C GLU B 83 35.75 -0.31 -14.45
N PHE B 84 34.51 -0.75 -14.70
CA PHE B 84 34.15 -2.16 -14.63
C PHE B 84 34.97 -2.96 -15.65
N GLU B 85 34.65 -2.85 -16.95
CA GLU B 85 35.30 -3.61 -18.00
C GLU B 85 36.81 -3.51 -17.84
N LYS B 86 37.27 -2.38 -17.28
CA LYS B 86 38.67 -2.17 -16.95
C LYS B 86 39.18 -3.32 -16.08
N HIS B 87 38.56 -3.56 -14.91
CA HIS B 87 39.06 -4.57 -13.98
C HIS B 87 38.47 -5.95 -14.27
N LEU B 88 37.68 -6.06 -15.36
CA LEU B 88 36.95 -7.28 -15.68
C LEU B 88 37.89 -8.46 -15.89
N PRO B 89 38.92 -8.36 -16.76
CA PRO B 89 39.73 -9.53 -17.17
C PRO B 89 40.28 -10.44 -16.05
N ASP B 90 41.05 -9.85 -15.13
CA ASP B 90 41.73 -10.58 -14.07
C ASP B 90 40.82 -10.75 -12.85
N ALA B 91 39.55 -10.29 -12.96
CA ALA B 91 38.57 -10.44 -11.90
C ALA B 91 38.26 -11.91 -11.68
N GLU B 92 38.62 -12.43 -10.48
CA GLU B 92 38.44 -13.82 -10.14
C GLU B 92 37.01 -14.06 -9.65
N ILE B 93 36.37 -13.00 -9.11
CA ILE B 93 35.03 -13.08 -8.52
C ILE B 93 34.31 -11.75 -8.73
N ILE B 94 33.11 -11.80 -9.29
CA ILE B 94 32.35 -10.58 -9.52
C ILE B 94 31.03 -10.61 -8.75
N ILE B 95 30.68 -9.46 -8.19
CA ILE B 95 29.48 -9.31 -7.40
C ILE B 95 28.74 -8.07 -7.92
N SER B 96 27.43 -8.22 -8.18
CA SER B 96 26.58 -7.05 -8.35
C SER B 96 25.22 -7.26 -7.70
N GLN B 97 24.48 -6.16 -7.59
CA GLN B 97 23.13 -6.17 -7.05
C GLN B 97 22.19 -5.76 -8.19
N PRO B 98 21.07 -6.48 -8.42
CA PRO B 98 20.24 -6.20 -9.58
C PRO B 98 19.72 -4.77 -9.73
N PHE B 99 19.89 -3.96 -8.68
CA PHE B 99 19.35 -2.60 -8.63
C PHE B 99 20.28 -1.69 -9.43
N TRP B 100 21.57 -2.02 -9.34
CA TRP B 100 22.60 -1.45 -10.19
C TRP B 100 23.44 -2.62 -10.70
N PRO B 101 22.87 -3.41 -11.64
CA PRO B 101 23.48 -4.67 -12.05
C PRO B 101 24.66 -4.45 -12.99
N ALA B 102 25.69 -5.29 -12.83
CA ALA B 102 26.80 -5.32 -13.77
C ALA B 102 26.44 -6.29 -14.88
N TYR B 103 25.87 -5.77 -15.97
CA TYR B 103 25.41 -6.62 -17.05
C TYR B 103 26.59 -7.45 -17.58
N LEU B 104 26.45 -8.77 -17.59
CA LEU B 104 27.48 -9.67 -18.12
C LEU B 104 26.99 -10.41 -19.38
N GLY B 105 26.89 -9.69 -20.50
CA GLY B 105 26.60 -10.32 -21.79
C GLY B 105 27.71 -11.29 -22.18
N PRO B 106 27.65 -11.93 -23.38
CA PRO B 106 28.71 -12.82 -23.85
C PRO B 106 30.04 -12.12 -24.18
N GLU B 107 29.99 -10.86 -24.64
CA GLU B 107 31.17 -10.01 -24.80
C GLU B 107 31.97 -10.01 -23.49
N ARG B 108 31.31 -9.57 -22.40
CA ARG B 108 31.93 -9.37 -21.11
C ARG B 108 32.44 -10.69 -20.53
N LEU B 109 31.67 -11.76 -20.69
CA LEU B 109 32.02 -13.07 -20.16
C LEU B 109 33.11 -13.73 -21.02
N ALA B 110 33.20 -13.33 -22.29
CA ALA B 110 34.33 -13.68 -23.13
C ALA B 110 35.60 -12.99 -22.62
N LYS B 111 35.51 -11.67 -22.39
CA LYS B 111 36.66 -10.86 -22.02
C LYS B 111 37.01 -10.96 -20.53
N ALA B 112 36.25 -11.74 -19.76
CA ALA B 112 36.58 -12.05 -18.36
C ALA B 112 37.37 -13.35 -18.30
N LYS B 113 38.64 -13.25 -17.92
CA LYS B 113 39.62 -14.29 -18.22
C LYS B 113 39.85 -15.20 -17.01
N LYS B 114 39.59 -14.75 -15.78
CA LYS B 114 39.85 -15.60 -14.63
C LYS B 114 38.68 -15.57 -13.65
N LEU B 115 37.48 -15.26 -14.16
CA LEU B 115 36.27 -15.28 -13.36
C LEU B 115 35.87 -16.72 -13.06
N LYS B 116 35.60 -17.01 -11.76
CA LYS B 116 35.06 -18.28 -11.32
C LYS B 116 33.68 -18.13 -10.65
N LEU B 117 33.28 -16.90 -10.30
CA LEU B 117 32.09 -16.69 -9.49
C LEU B 117 31.40 -15.36 -9.82
N ALA B 118 30.27 -15.46 -10.54
CA ALA B 118 29.36 -14.35 -10.80
C ALA B 118 28.20 -14.41 -9.79
N LEU B 119 28.22 -13.48 -8.84
CA LEU B 119 27.40 -13.58 -7.64
C LEU B 119 26.39 -12.44 -7.62
N THR B 120 25.12 -12.79 -7.37
CA THR B 120 24.10 -11.77 -7.21
C THR B 120 23.93 -11.43 -5.73
N ALA B 121 24.25 -10.16 -5.40
CA ALA B 121 23.90 -9.55 -4.13
C ALA B 121 22.52 -10.07 -3.73
N GLY B 122 21.48 -9.62 -4.44
CA GLY B 122 20.13 -9.91 -4.02
C GLY B 122 19.63 -11.27 -4.49
N ILE B 123 18.48 -11.21 -5.18
CA ILE B 123 17.89 -12.26 -5.97
C ILE B 123 17.75 -11.74 -7.41
N GLY B 124 17.80 -12.66 -8.38
CA GLY B 124 17.54 -12.30 -9.76
C GLY B 124 18.83 -12.17 -10.56
N SER B 125 19.34 -13.32 -11.01
CA SER B 125 20.58 -13.45 -11.76
C SER B 125 20.33 -13.42 -13.27
N ASP B 126 19.56 -12.43 -13.74
CA ASP B 126 19.12 -12.34 -15.11
C ASP B 126 19.76 -11.12 -15.78
N HIS B 127 20.84 -10.62 -15.18
CA HIS B 127 21.68 -9.61 -15.79
C HIS B 127 22.94 -10.31 -16.31
N VAL B 128 22.82 -11.64 -16.44
CA VAL B 128 23.91 -12.54 -16.76
C VAL B 128 23.37 -13.56 -17.78
N ASP B 129 24.09 -13.69 -18.90
CA ASP B 129 23.93 -14.82 -19.78
C ASP B 129 24.37 -16.06 -18.99
N LEU B 130 23.43 -16.99 -18.75
CA LEU B 130 23.72 -18.20 -17.99
C LEU B 130 24.28 -19.30 -18.91
N GLU B 131 24.21 -19.09 -20.22
CA GLU B 131 24.81 -19.99 -21.18
C GLU B 131 26.30 -19.68 -21.18
N SER B 132 26.66 -18.43 -21.53
CA SER B 132 28.04 -17.95 -21.39
C SER B 132 28.64 -18.48 -20.09
N ALA B 133 27.85 -18.40 -19.00
CA ALA B 133 28.25 -18.86 -17.68
C ALA B 133 28.40 -20.39 -17.63
N ILE B 134 27.55 -21.16 -18.30
CA ILE B 134 27.71 -22.61 -18.28
C ILE B 134 28.96 -22.99 -19.09
N LYS B 135 29.12 -22.44 -20.32
CA LYS B 135 30.24 -22.81 -21.19
C LYS B 135 31.57 -22.40 -20.58
N HIS B 136 31.69 -21.13 -20.15
CA HIS B 136 32.91 -20.66 -19.50
C HIS B 136 33.17 -21.39 -18.18
N GLY B 137 32.42 -22.47 -17.90
CA GLY B 137 32.60 -23.30 -16.72
C GLY B 137 32.38 -22.56 -15.40
N VAL B 138 31.76 -21.35 -15.45
CA VAL B 138 31.64 -20.42 -14.32
C VAL B 138 30.62 -20.94 -13.31
N THR B 139 30.74 -20.44 -12.09
CA THR B 139 29.76 -20.70 -11.04
C THR B 139 29.02 -19.40 -10.69
N VAL B 140 27.71 -19.54 -10.46
CA VAL B 140 26.78 -18.42 -10.36
C VAL B 140 25.89 -18.60 -9.13
N ALA B 141 25.59 -17.52 -8.42
CA ALA B 141 24.78 -17.66 -7.21
C ALA B 141 24.07 -16.35 -6.89
N GLU B 142 22.89 -16.50 -6.28
CA GLU B 142 22.14 -15.37 -5.75
C GLU B 142 21.90 -15.67 -4.29
N VAL B 143 21.30 -14.71 -3.57
CA VAL B 143 20.95 -14.93 -2.18
C VAL B 143 19.45 -15.21 -2.09
N THR B 144 19.11 -16.47 -2.42
CA THR B 144 17.75 -16.95 -2.47
C THR B 144 17.08 -16.81 -1.11
N GLY B 145 15.91 -16.16 -1.09
CA GLY B 145 15.20 -15.81 0.13
C GLY B 145 15.43 -14.35 0.54
N SER B 146 16.68 -13.88 0.34
CA SER B 146 17.17 -12.66 0.97
C SER B 146 16.06 -11.62 1.10
N ASN B 147 15.49 -11.17 -0.02
CA ASN B 147 14.59 -10.02 0.01
C ASN B 147 13.18 -10.36 -0.50
N SER B 148 12.83 -11.67 -0.57
CA SER B 148 11.53 -12.09 -1.10
C SER B 148 10.39 -11.37 -0.38
N ILE B 149 10.55 -11.12 0.93
CA ILE B 149 9.46 -10.56 1.70
C ILE B 149 9.38 -9.05 1.53
N SER B 150 10.55 -8.41 1.41
CA SER B 150 10.56 -6.99 1.08
C SER B 150 9.61 -6.73 -0.09
N VAL B 151 9.81 -7.50 -1.17
CA VAL B 151 9.13 -7.34 -2.45
C VAL B 151 7.64 -7.59 -2.25
N SER B 152 7.32 -8.71 -1.59
CA SER B 152 5.94 -9.13 -1.43
C SER B 152 5.09 -8.00 -0.81
N GLU B 153 5.70 -7.14 0.02
CA GLU B 153 5.03 -5.97 0.58
C GLU B 153 4.94 -4.85 -0.43
N HIS B 154 6.05 -4.65 -1.16
CA HIS B 154 6.15 -3.59 -2.14
C HIS B 154 5.07 -3.77 -3.21
N ALA B 155 4.80 -5.02 -3.57
CA ALA B 155 3.73 -5.31 -4.51
C ALA B 155 2.39 -4.93 -3.88
N VAL B 156 2.13 -5.40 -2.67
CA VAL B 156 0.79 -5.28 -2.17
C VAL B 156 0.47 -3.80 -2.09
N MET B 157 1.45 -3.02 -1.63
CA MET B 157 1.26 -1.58 -1.52
C MET B 157 0.89 -1.02 -2.90
N MET B 158 1.63 -1.47 -3.91
CA MET B 158 1.35 -1.11 -5.30
C MET B 158 -0.05 -1.55 -5.73
N ILE B 159 -0.49 -2.74 -5.35
CA ILE B 159 -1.82 -3.18 -5.72
C ILE B 159 -2.85 -2.19 -5.18
N LEU B 160 -2.82 -2.00 -3.87
CA LEU B 160 -3.72 -1.09 -3.18
C LEU B 160 -3.62 0.31 -3.80
N SER B 161 -2.39 0.71 -4.13
CA SER B 161 -2.13 2.08 -4.52
C SER B 161 -2.80 2.39 -5.85
N LEU B 162 -2.72 1.45 -6.79
CA LEU B 162 -3.39 1.56 -8.09
C LEU B 162 -4.90 1.49 -7.87
N VAL B 163 -5.37 0.43 -7.20
CA VAL B 163 -6.79 0.13 -7.14
C VAL B 163 -7.57 1.24 -6.46
N ARG B 164 -6.89 2.12 -5.70
CA ARG B 164 -7.59 3.11 -4.89
C ARG B 164 -7.27 4.54 -5.30
N ASN B 165 -6.28 4.70 -6.19
CA ASN B 165 -5.97 5.98 -6.83
C ASN B 165 -5.25 6.93 -5.87
N TYR B 166 -4.26 6.35 -5.18
CA TYR B 166 -3.53 6.98 -4.09
C TYR B 166 -2.79 8.22 -4.56
N ILE B 167 -1.88 8.00 -5.54
CA ILE B 167 -0.88 9.00 -5.94
C ILE B 167 -1.60 10.21 -6.53
N PRO B 168 -2.42 10.02 -7.58
CA PRO B 168 -3.30 11.07 -8.07
C PRO B 168 -3.83 11.98 -6.96
N ALA B 169 -4.20 11.36 -5.82
CA ALA B 169 -4.95 11.99 -4.74
C ALA B 169 -3.98 12.55 -3.72
N HIS B 170 -2.79 11.97 -3.68
CA HIS B 170 -1.77 12.54 -2.83
C HIS B 170 -1.15 13.73 -3.55
N GLU B 171 -1.25 13.71 -4.89
CA GLU B 171 -0.92 14.86 -5.72
C GLU B 171 -1.81 16.03 -5.30
N TRP B 172 -3.14 15.82 -5.31
CA TRP B 172 -4.14 16.82 -4.91
C TRP B 172 -3.91 17.31 -3.48
N ALA B 173 -3.32 16.47 -2.61
CA ALA B 173 -3.02 16.87 -1.25
C ALA B 173 -1.91 17.93 -1.26
N GLU B 174 -0.79 17.58 -1.91
CA GLU B 174 0.39 18.43 -2.01
C GLU B 174 0.09 19.77 -2.68
N LYS B 175 -0.89 19.81 -3.58
CA LYS B 175 -1.16 20.99 -4.38
C LYS B 175 -2.34 21.77 -3.81
N GLY B 176 -2.53 21.71 -2.49
CA GLY B 176 -3.59 22.46 -1.85
C GLY B 176 -4.89 22.47 -2.66
N GLY B 177 -5.45 21.28 -2.88
CA GLY B 177 -6.80 21.10 -3.38
C GLY B 177 -7.59 20.20 -2.44
N TRP B 178 -8.80 19.82 -2.86
CA TRP B 178 -9.57 18.80 -2.17
C TRP B 178 -10.13 17.85 -3.24
N ASN B 179 -11.07 18.35 -4.06
CA ASN B 179 -11.41 17.68 -5.30
C ASN B 179 -11.61 16.19 -5.05
N ILE B 180 -12.66 15.83 -4.31
CA ILE B 180 -12.81 14.45 -3.85
C ILE B 180 -13.20 13.59 -5.03
N ALA B 181 -14.23 14.05 -5.75
CA ALA B 181 -14.73 13.38 -6.95
C ALA B 181 -13.55 13.04 -7.89
N ASP B 182 -12.52 13.88 -7.88
CA ASP B 182 -11.39 13.70 -8.76
C ASP B 182 -10.55 12.51 -8.25
N CYS B 183 -10.55 12.31 -6.93
CA CYS B 183 -9.80 11.23 -6.30
C CYS B 183 -10.48 9.90 -6.56
N VAL B 184 -11.80 9.87 -6.31
CA VAL B 184 -12.55 8.63 -6.16
C VAL B 184 -13.21 8.18 -7.47
N GLU B 185 -13.19 9.01 -8.51
CA GLU B 185 -13.82 8.63 -9.77
C GLU B 185 -13.14 7.38 -10.36
N ARG B 186 -11.88 7.10 -9.99
CA ARG B 186 -11.22 5.85 -10.36
C ARG B 186 -10.97 4.94 -9.17
N SER B 187 -11.46 5.28 -7.97
CA SER B 187 -11.01 4.61 -6.75
C SER B 187 -11.93 3.46 -6.41
N TYR B 188 -11.34 2.29 -6.15
CA TYR B 188 -12.14 1.13 -5.83
C TYR B 188 -11.59 0.43 -4.60
N ASP B 189 -12.36 -0.49 -4.01
CA ASP B 189 -11.84 -1.38 -2.97
C ASP B 189 -11.35 -2.67 -3.62
N VAL B 190 -10.30 -3.30 -3.10
CA VAL B 190 -9.89 -4.55 -3.68
C VAL B 190 -10.79 -5.65 -3.17
N GLU B 191 -11.49 -5.40 -2.06
CA GLU B 191 -12.33 -6.44 -1.50
C GLU B 191 -13.27 -6.96 -2.59
N GLY B 192 -13.10 -8.25 -2.93
CA GLY B 192 -14.03 -8.97 -3.78
C GLY B 192 -13.42 -9.33 -5.13
N MET B 193 -12.39 -8.59 -5.51
CA MET B 193 -11.80 -8.69 -6.84
C MET B 193 -11.06 -10.02 -6.95
N HIS B 194 -10.71 -10.40 -8.18
CA HIS B 194 -9.82 -11.54 -8.38
C HIS B 194 -8.40 -11.06 -8.65
N VAL B 195 -7.48 -11.72 -7.94
CA VAL B 195 -6.06 -11.39 -8.00
C VAL B 195 -5.30 -12.66 -8.34
N GLY B 196 -4.33 -12.52 -9.23
CA GLY B 196 -3.52 -13.67 -9.59
C GLY B 196 -2.05 -13.30 -9.60
N THR B 197 -1.24 -14.21 -9.07
CA THR B 197 0.20 -14.08 -9.23
C THR B 197 0.64 -14.98 -10.39
N VAL B 198 1.66 -14.51 -11.13
CA VAL B 198 2.11 -15.29 -12.27
C VAL B 198 2.97 -16.43 -11.75
N ALA B 199 4.09 -16.15 -11.08
CA ALA B 199 4.73 -17.26 -10.37
C ALA B 199 4.12 -17.33 -8.98
N ALA B 200 4.30 -18.46 -8.28
CA ALA B 200 3.89 -18.54 -6.88
C ALA B 200 5.07 -19.02 -6.03
N GLY B 201 6.19 -18.31 -6.21
CA GLY B 201 7.44 -18.63 -5.56
C GLY B 201 7.44 -18.15 -4.12
N ARG B 202 8.62 -18.00 -3.54
CA ARG B 202 8.72 -17.35 -2.26
C ARG B 202 7.83 -16.11 -2.26
N ILE B 203 8.11 -15.20 -3.21
CA ILE B 203 7.44 -13.92 -3.32
C ILE B 203 5.95 -14.11 -3.64
N GLY B 204 5.67 -14.80 -4.74
CA GLY B 204 4.29 -14.95 -5.15
C GLY B 204 3.48 -15.57 -4.02
N LEU B 205 4.10 -16.51 -3.30
CA LEU B 205 3.39 -17.17 -2.22
C LEU B 205 3.10 -16.13 -1.14
N ALA B 206 4.14 -15.34 -0.82
CA ALA B 206 4.06 -14.27 0.17
C ALA B 206 2.83 -13.41 -0.13
N ILE B 207 2.74 -12.96 -1.39
CA ILE B 207 1.70 -12.03 -1.81
C ILE B 207 0.36 -12.71 -1.59
N LEU B 208 0.31 -13.99 -1.91
CA LEU B 208 -0.94 -14.71 -1.75
C LEU B 208 -1.42 -14.65 -0.29
N LYS B 209 -0.54 -15.04 0.64
CA LYS B 209 -0.86 -15.02 2.07
C LYS B 209 -1.25 -13.60 2.49
N ARG B 210 -0.50 -12.61 2.00
CA ARG B 210 -0.71 -11.22 2.37
C ARG B 210 -2.05 -10.68 1.88
N MET B 211 -2.47 -11.11 0.70
CA MET B 211 -3.69 -10.59 0.09
C MET B 211 -4.92 -11.34 0.63
N LYS B 212 -4.71 -12.53 1.22
CA LYS B 212 -5.81 -13.42 1.50
C LYS B 212 -6.86 -12.72 2.36
N PRO B 213 -6.47 -12.10 3.51
CA PRO B 213 -7.45 -11.50 4.42
C PRO B 213 -8.12 -10.22 3.92
N PHE B 214 -7.84 -9.84 2.65
CA PHE B 214 -8.58 -8.77 2.00
C PHE B 214 -9.89 -9.25 1.37
N ASP B 215 -10.25 -10.51 1.60
CA ASP B 215 -11.30 -11.23 0.87
C ASP B 215 -11.31 -10.87 -0.62
N VAL B 216 -10.16 -11.15 -1.27
CA VAL B 216 -10.06 -11.27 -2.72
C VAL B 216 -10.06 -12.76 -3.04
N HIS B 217 -10.35 -13.05 -4.30
CA HIS B 217 -10.25 -14.38 -4.86
C HIS B 217 -8.85 -14.54 -5.45
N LEU B 218 -8.28 -15.72 -5.24
CA LEU B 218 -6.85 -15.91 -5.43
C LEU B 218 -6.62 -16.97 -6.50
N HIS B 219 -5.97 -16.50 -7.58
CA HIS B 219 -5.65 -17.30 -8.74
C HIS B 219 -4.12 -17.38 -8.82
N TYR B 220 -3.57 -18.38 -9.53
CA TYR B 220 -2.13 -18.41 -9.85
C TYR B 220 -1.81 -19.35 -11.01
N TYR B 221 -0.79 -18.98 -11.81
CA TYR B 221 -0.13 -19.88 -12.76
C TYR B 221 1.26 -20.23 -12.22
N ALA B 222 1.80 -21.34 -12.72
CA ALA B 222 3.11 -21.88 -12.36
C ALA B 222 3.25 -23.20 -13.10
N ARG B 223 4.48 -23.65 -13.28
CA ARG B 223 4.71 -24.82 -14.11
C ARG B 223 4.35 -26.06 -13.29
N HIS B 224 4.60 -26.01 -11.97
CA HIS B 224 4.08 -27.00 -11.03
C HIS B 224 3.15 -26.31 -10.02
N ARG B 225 2.43 -27.11 -9.22
CA ARG B 225 1.39 -26.63 -8.33
C ARG B 225 1.89 -26.54 -6.90
N LEU B 226 1.18 -25.77 -6.07
CA LEU B 226 1.38 -25.80 -4.63
C LEU B 226 0.64 -27.03 -4.13
N SER B 227 0.81 -27.36 -2.86
CA SER B 227 0.30 -28.61 -2.33
C SER B 227 -1.19 -28.47 -2.06
N LYS B 228 -1.83 -29.61 -1.79
CA LYS B 228 -3.25 -29.67 -1.48
C LYS B 228 -3.55 -28.78 -0.27
N GLU B 229 -2.64 -28.79 0.73
CA GLU B 229 -2.81 -28.03 1.96
C GLU B 229 -2.88 -26.53 1.65
N GLU B 230 -1.89 -26.04 0.90
CA GLU B 230 -1.80 -24.62 0.63
C GLU B 230 -2.96 -24.20 -0.26
N GLU B 231 -3.29 -25.01 -1.28
CA GLU B 231 -4.39 -24.71 -2.17
C GLU B 231 -5.74 -24.67 -1.43
N GLU B 232 -5.86 -25.40 -0.30
CA GLU B 232 -7.06 -25.40 0.50
C GLU B 232 -7.11 -24.11 1.33
N GLU B 233 -6.08 -23.88 2.15
CA GLU B 233 -6.20 -22.89 3.21
C GLU B 233 -6.27 -21.46 2.64
N LEU B 234 -5.81 -21.29 1.39
CA LEU B 234 -5.74 -20.00 0.74
C LEU B 234 -6.92 -19.83 -0.23
N GLY B 235 -7.59 -20.94 -0.53
CA GLY B 235 -8.61 -20.93 -1.57
C GLY B 235 -8.04 -20.50 -2.92
N LEU B 236 -6.93 -21.13 -3.32
CA LEU B 236 -6.20 -20.83 -4.55
C LEU B 236 -6.89 -21.50 -5.74
N THR B 237 -6.93 -20.77 -6.87
CA THR B 237 -7.28 -21.32 -8.18
C THR B 237 -6.04 -21.36 -9.07
N PHE B 238 -5.58 -22.58 -9.35
CA PHE B 238 -4.48 -22.81 -10.29
C PHE B 238 -5.02 -22.66 -11.70
N HIS B 239 -4.18 -22.17 -12.60
CA HIS B 239 -4.45 -22.25 -14.03
C HIS B 239 -3.24 -22.89 -14.72
N GLU B 240 -3.54 -23.60 -15.80
CA GLU B 240 -2.55 -24.34 -16.57
C GLU B 240 -2.05 -23.49 -17.73
N ASN B 241 -2.89 -22.60 -18.28
CA ASN B 241 -2.44 -21.50 -19.13
C ASN B 241 -2.58 -20.16 -18.40
N VAL B 242 -1.54 -19.32 -18.45
CA VAL B 242 -1.66 -17.99 -17.89
C VAL B 242 -2.78 -17.23 -18.60
N GLU B 243 -2.99 -17.52 -19.89
CA GLU B 243 -4.05 -16.92 -20.69
C GLU B 243 -5.38 -17.01 -19.96
N ASP B 244 -5.63 -18.17 -19.33
CA ASP B 244 -6.90 -18.44 -18.64
C ASP B 244 -6.97 -17.68 -17.32
N MET B 245 -5.83 -17.50 -16.66
CA MET B 245 -5.81 -16.70 -15.43
C MET B 245 -6.12 -15.25 -15.75
N VAL B 246 -5.39 -14.61 -16.69
CA VAL B 246 -5.49 -13.16 -16.81
C VAL B 246 -6.91 -12.74 -17.21
N LYS B 247 -7.70 -13.72 -17.66
CA LYS B 247 -8.99 -13.43 -18.23
C LYS B 247 -9.98 -13.09 -17.12
N VAL B 248 -9.84 -13.77 -15.99
CA VAL B 248 -10.77 -13.55 -14.89
C VAL B 248 -10.24 -12.50 -13.90
N CYS B 249 -8.90 -12.28 -13.88
CA CYS B 249 -8.27 -11.52 -12.81
C CYS B 249 -8.42 -10.01 -13.05
N ASP B 250 -8.94 -9.34 -12.01
CA ASP B 250 -8.99 -7.88 -11.99
C ASP B 250 -7.61 -7.27 -11.78
N VAL B 251 -6.72 -8.08 -11.17
CA VAL B 251 -5.37 -7.65 -10.83
C VAL B 251 -4.44 -8.84 -11.03
N VAL B 252 -3.35 -8.59 -11.74
CA VAL B 252 -2.30 -9.57 -11.94
C VAL B 252 -1.01 -9.02 -11.32
N THR B 253 -0.34 -9.82 -10.49
CA THR B 253 1.02 -9.54 -10.09
C THR B 253 1.92 -10.59 -10.73
N ILE B 254 3.08 -10.13 -11.21
CA ILE B 254 4.06 -10.95 -11.90
C ILE B 254 5.24 -11.17 -10.95
N ASN B 255 5.50 -12.44 -10.65
CA ASN B 255 6.48 -12.81 -9.65
C ASN B 255 7.30 -13.99 -10.17
N ALA B 256 7.68 -13.88 -11.44
CA ALA B 256 8.42 -14.91 -12.13
C ALA B 256 9.81 -14.39 -12.42
N PRO B 257 10.81 -15.31 -12.46
CA PRO B 257 12.15 -14.95 -12.98
C PRO B 257 12.11 -14.46 -14.43
N LEU B 258 13.08 -13.64 -14.83
CA LEU B 258 13.27 -13.39 -16.25
C LEU B 258 14.09 -14.54 -16.83
N HIS B 259 13.51 -15.27 -17.79
CA HIS B 259 14.24 -16.27 -18.56
C HIS B 259 13.41 -16.59 -19.80
N PRO B 260 13.88 -17.40 -20.78
CA PRO B 260 13.26 -17.46 -22.11
C PRO B 260 11.74 -17.70 -22.17
N GLU B 261 11.22 -18.44 -21.19
CA GLU B 261 9.81 -18.77 -21.10
C GLU B 261 9.00 -17.58 -20.58
N THR B 262 9.66 -16.63 -19.89
CA THR B 262 8.99 -15.47 -19.28
C THR B 262 9.32 -14.18 -20.03
N HIS B 263 10.30 -14.21 -20.95
CA HIS B 263 10.61 -13.04 -21.76
C HIS B 263 9.37 -12.69 -22.60
N HIS B 264 8.89 -11.44 -22.44
CA HIS B 264 7.72 -10.98 -23.17
C HIS B 264 6.57 -12.00 -23.11
N MET B 265 6.32 -12.58 -21.93
CA MET B 265 5.12 -13.36 -21.68
C MET B 265 3.90 -12.47 -21.91
N PHE B 266 3.93 -11.26 -21.32
CA PHE B 266 2.91 -10.24 -21.53
C PHE B 266 3.22 -9.38 -22.76
N ASP B 267 2.79 -9.87 -23.94
CA ASP B 267 2.77 -9.12 -25.19
C ASP B 267 1.42 -8.42 -25.32
N GLU B 268 1.16 -7.81 -26.50
CA GLU B 268 -0.13 -7.18 -26.80
C GLU B 268 -1.20 -8.28 -26.95
N ALA B 269 -0.80 -9.44 -27.47
CA ALA B 269 -1.70 -10.58 -27.57
C ALA B 269 -2.27 -10.93 -26.18
N MET B 270 -1.38 -11.02 -25.20
CA MET B 270 -1.70 -11.49 -23.86
C MET B 270 -2.52 -10.42 -23.14
N ILE B 271 -1.93 -9.21 -23.10
CA ILE B 271 -2.60 -8.03 -22.58
C ILE B 271 -4.01 -7.88 -23.15
N LYS B 272 -4.23 -8.33 -24.38
CA LYS B 272 -5.53 -8.10 -24.99
C LYS B 272 -6.60 -8.87 -24.20
N LYS B 273 -6.25 -10.08 -23.77
CA LYS B 273 -7.22 -11.02 -23.20
C LYS B 273 -7.77 -10.49 -21.87
N MET B 274 -7.03 -9.57 -21.26
CA MET B 274 -7.27 -9.14 -19.90
C MET B 274 -8.52 -8.29 -19.88
N LYS B 275 -9.19 -8.25 -18.73
CA LYS B 275 -10.43 -7.52 -18.56
C LYS B 275 -10.24 -6.02 -18.81
N ARG B 276 -11.37 -5.33 -19.05
CA ARG B 276 -11.33 -3.89 -19.20
C ARG B 276 -11.15 -3.29 -17.81
N GLY B 277 -10.09 -2.48 -17.66
CA GLY B 277 -9.80 -1.77 -16.44
C GLY B 277 -9.01 -2.62 -15.43
N ALA B 278 -8.37 -3.68 -15.93
CA ALA B 278 -7.46 -4.51 -15.16
C ALA B 278 -6.23 -3.70 -14.70
N TYR B 279 -5.46 -4.33 -13.82
CA TYR B 279 -4.24 -3.75 -13.29
C TYR B 279 -3.17 -4.84 -13.33
N ILE B 280 -1.94 -4.41 -13.64
CA ILE B 280 -0.76 -5.25 -13.50
C ILE B 280 0.13 -4.60 -12.43
N VAL B 281 0.79 -5.49 -11.68
CA VAL B 281 1.91 -5.12 -10.83
C VAL B 281 3.06 -6.05 -11.21
N ASN B 282 4.24 -5.43 -11.36
CA ASN B 282 5.40 -6.19 -11.79
C ASN B 282 6.57 -5.83 -10.88
N THR B 283 6.68 -6.57 -9.78
CA THR B 283 7.81 -6.41 -8.89
C THR B 283 8.81 -7.55 -9.12
N ALA B 284 8.93 -8.01 -10.38
CA ALA B 284 9.78 -9.15 -10.72
C ALA B 284 10.90 -8.69 -11.67
N ARG B 285 10.65 -8.74 -13.01
CA ARG B 285 11.54 -8.19 -14.03
C ARG B 285 10.73 -7.59 -15.17
N ALA B 286 11.12 -6.36 -15.54
CA ALA B 286 10.36 -5.51 -16.43
C ALA B 286 10.04 -6.22 -17.74
N GLU B 287 11.02 -6.99 -18.21
CA GLU B 287 11.02 -7.50 -19.58
C GLU B 287 10.10 -8.71 -19.72
N ILE B 288 9.35 -9.03 -18.67
CA ILE B 288 8.31 -10.04 -18.80
C ILE B 288 7.12 -9.43 -19.55
N CYS B 289 7.03 -8.09 -19.57
CA CYS B 289 6.02 -7.37 -20.35
C CYS B 289 6.67 -6.52 -21.46
N ASP B 290 6.12 -6.61 -22.68
CA ASP B 290 6.51 -5.69 -23.74
C ASP B 290 6.24 -4.27 -23.24
N ARG B 291 7.29 -3.65 -22.68
CA ARG B 291 7.31 -2.23 -22.37
C ARG B 291 6.33 -1.44 -23.22
N ASP B 292 6.39 -1.64 -24.54
CA ASP B 292 5.73 -0.74 -25.46
C ASP B 292 4.23 -1.04 -25.44
N ALA B 293 3.89 -2.33 -25.28
CA ALA B 293 2.51 -2.79 -25.31
C ALA B 293 1.77 -2.43 -24.02
N ILE B 294 2.52 -2.38 -22.91
CA ILE B 294 1.94 -1.91 -21.67
C ILE B 294 1.33 -0.56 -21.99
N VAL B 295 2.17 0.34 -22.53
CA VAL B 295 1.83 1.75 -22.66
C VAL B 295 0.63 1.94 -23.58
N ARG B 296 0.54 1.10 -24.62
CA ARG B 296 -0.59 1.10 -25.54
C ARG B 296 -1.86 0.83 -24.75
N ALA B 297 -1.84 -0.27 -23.98
CA ALA B 297 -3.01 -0.73 -23.23
C ALA B 297 -3.46 0.32 -22.22
N VAL B 298 -2.44 1.00 -21.65
CA VAL B 298 -2.62 1.95 -20.57
C VAL B 298 -3.34 3.16 -21.12
N GLU B 299 -2.81 3.69 -22.24
CA GLU B 299 -3.33 4.92 -22.84
C GLU B 299 -4.75 4.71 -23.37
N SER B 300 -5.03 3.48 -23.81
CA SER B 300 -6.31 3.12 -24.40
C SER B 300 -7.38 2.80 -23.37
N GLY B 301 -7.07 3.00 -22.07
CA GLY B 301 -7.98 2.69 -20.95
C GLY B 301 -8.44 1.23 -20.90
N HIS B 302 -7.66 0.31 -21.47
CA HIS B 302 -7.96 -1.11 -21.39
C HIS B 302 -7.36 -1.70 -20.12
N LEU B 303 -6.26 -1.07 -19.66
CA LEU B 303 -5.58 -1.38 -18.42
C LEU B 303 -5.66 -0.15 -17.54
N ALA B 304 -6.30 -0.24 -16.36
CA ALA B 304 -6.49 0.94 -15.53
C ALA B 304 -5.21 1.36 -14.81
N GLY B 305 -4.09 0.60 -14.94
CA GLY B 305 -2.84 0.96 -14.29
C GLY B 305 -1.75 -0.12 -14.32
N TYR B 306 -0.53 0.32 -13.99
CA TYR B 306 0.65 -0.53 -13.90
C TYR B 306 1.64 0.00 -12.85
N ALA B 307 2.27 -0.96 -12.14
CA ALA B 307 3.15 -0.58 -11.06
C ALA B 307 4.11 -1.72 -10.71
N GLY B 308 5.28 -1.25 -10.28
CA GLY B 308 6.50 -2.06 -10.30
C GLY B 308 7.70 -1.15 -10.06
N ASP B 309 8.78 -1.76 -9.56
CA ASP B 309 10.02 -1.04 -9.35
C ASP B 309 11.00 -1.40 -10.48
N VAL B 310 10.87 -2.60 -11.06
CA VAL B 310 11.88 -3.11 -12.00
C VAL B 310 11.66 -2.47 -13.38
N TRP B 311 12.79 -2.28 -14.09
CA TRP B 311 12.80 -1.75 -15.46
C TRP B 311 13.80 -2.54 -16.32
N ASN B 312 13.99 -2.03 -17.55
CA ASN B 312 15.04 -2.52 -18.45
C ASN B 312 15.33 -1.41 -19.46
N PRO B 313 16.51 -0.74 -19.38
CA PRO B 313 17.62 -1.16 -18.52
C PRO B 313 17.58 -0.47 -17.14
N GLN B 314 18.34 -1.02 -16.18
CA GLN B 314 18.48 -0.42 -14.87
C GLN B 314 19.95 -0.06 -14.65
N PRO B 315 20.27 1.24 -14.39
CA PRO B 315 19.29 2.33 -14.33
C PRO B 315 18.77 2.60 -15.71
N ALA B 316 17.83 3.53 -15.85
CA ALA B 316 17.01 3.59 -17.07
C ALA B 316 17.04 4.96 -17.72
N PRO B 317 16.71 5.06 -19.02
CA PRO B 317 16.48 6.36 -19.67
C PRO B 317 15.55 7.26 -18.85
N ALA B 318 15.67 8.58 -19.07
CA ALA B 318 14.83 9.57 -18.42
C ALA B 318 13.53 9.77 -19.18
N ASP B 319 13.49 9.29 -20.44
CA ASP B 319 12.28 9.42 -21.26
C ASP B 319 11.68 8.03 -21.51
N HIS B 320 12.05 7.05 -20.69
CA HIS B 320 11.31 5.81 -20.56
C HIS B 320 9.84 6.15 -20.32
N PRO B 321 8.89 5.68 -21.18
CA PRO B 321 7.51 6.18 -21.14
C PRO B 321 6.71 5.60 -19.97
N TRP B 322 7.29 4.59 -19.28
CA TRP B 322 6.74 4.07 -18.05
C TRP B 322 6.76 5.11 -16.92
N ARG B 323 7.67 6.09 -17.00
CA ARG B 323 7.75 7.13 -15.98
C ARG B 323 6.50 8.03 -16.02
N THR B 324 5.97 8.27 -17.23
CA THR B 324 4.99 9.33 -17.38
C THR B 324 3.62 8.78 -17.82
N MET B 325 3.54 7.48 -18.16
CA MET B 325 2.30 6.93 -18.72
C MET B 325 1.16 7.16 -17.73
N PRO B 326 -0.09 7.31 -18.20
CA PRO B 326 -1.23 7.53 -17.29
C PRO B 326 -1.30 6.50 -16.14
N TRP B 327 -1.44 7.02 -14.91
CA TRP B 327 -1.78 6.19 -13.77
C TRP B 327 -0.68 5.16 -13.45
N ASN B 328 0.58 5.58 -13.39
CA ASN B 328 1.63 4.64 -13.05
C ASN B 328 1.86 4.77 -11.55
N GLY B 329 2.39 3.70 -10.94
CA GLY B 329 2.70 3.62 -9.53
C GLY B 329 4.13 3.10 -9.33
N MET B 330 5.01 3.60 -10.19
CA MET B 330 6.35 3.07 -10.39
C MET B 330 7.29 3.62 -9.32
N THR B 331 8.20 2.75 -8.86
CA THR B 331 9.39 3.21 -8.18
C THR B 331 10.59 2.80 -9.01
N PRO B 332 11.77 3.44 -8.85
CA PRO B 332 13.03 2.84 -9.29
C PRO B 332 13.17 1.46 -8.64
N HIS B 333 13.99 0.58 -9.23
CA HIS B 333 14.26 -0.71 -8.61
C HIS B 333 14.71 -0.53 -7.18
N MET B 334 13.93 -1.05 -6.22
CA MET B 334 14.11 -0.67 -4.83
C MET B 334 13.52 -1.71 -3.88
N SER B 335 12.41 -2.34 -4.25
CA SER B 335 11.75 -3.23 -3.31
C SER B 335 12.80 -4.05 -2.56
N GLY B 336 13.77 -4.61 -3.30
CA GLY B 336 14.62 -5.67 -2.77
C GLY B 336 15.82 -5.15 -1.97
N THR B 337 16.06 -3.83 -2.02
CA THR B 337 17.22 -3.19 -1.41
C THR B 337 16.78 -2.13 -0.40
N SER B 338 15.60 -2.31 0.20
CA SER B 338 15.28 -1.72 1.49
C SER B 338 16.36 -2.18 2.47
N LEU B 339 16.53 -1.37 3.52
CA LEU B 339 17.64 -1.53 4.47
C LEU B 339 17.49 -2.85 5.22
N SER B 340 16.24 -3.21 5.52
CA SER B 340 15.96 -4.44 6.24
C SER B 340 16.44 -5.65 5.43
N GLY B 341 16.32 -5.58 4.08
CA GLY B 341 16.68 -6.68 3.19
C GLY B 341 18.15 -6.66 2.77
N GLN B 342 18.76 -5.45 2.72
CA GLN B 342 20.20 -5.31 2.51
C GLN B 342 20.94 -6.08 3.60
N ALA B 343 20.47 -5.94 4.84
CA ALA B 343 21.09 -6.60 5.97
C ALA B 343 21.03 -8.11 5.79
N ARG B 344 20.29 -8.60 4.79
CA ARG B 344 20.24 -10.05 4.60
C ARG B 344 21.04 -10.47 3.37
N TYR B 345 21.08 -9.62 2.32
CA TYR B 345 21.77 -10.01 1.10
C TYR B 345 23.27 -9.77 1.23
N THR B 346 23.68 -8.80 2.08
CA THR B 346 25.08 -8.49 2.33
C THR B 346 25.67 -9.43 3.40
N ALA B 347 24.80 -10.29 3.95
CA ALA B 347 25.22 -11.37 4.83
C ALA B 347 25.33 -12.66 4.04
N GLY B 348 24.44 -12.85 3.06
CA GLY B 348 24.57 -13.95 2.11
C GLY B 348 25.82 -13.76 1.24
N THR B 349 25.89 -12.58 0.60
CA THR B 349 27.10 -12.09 -0.05
C THR B 349 28.35 -12.58 0.69
N ARG B 350 28.42 -12.27 2.00
CA ARG B 350 29.53 -12.65 2.86
C ARG B 350 29.61 -14.17 3.00
N GLU B 351 28.57 -14.79 3.56
CA GLU B 351 28.55 -16.21 3.90
C GLU B 351 29.10 -17.08 2.76
N ILE B 352 28.81 -16.67 1.53
CA ILE B 352 29.17 -17.45 0.35
C ILE B 352 30.66 -17.29 0.07
N LEU B 353 31.17 -16.05 0.15
CA LEU B 353 32.59 -15.75 -0.01
C LEU B 353 33.42 -16.59 0.97
N GLU B 354 32.84 -16.87 2.15
CA GLU B 354 33.46 -17.76 3.12
C GLU B 354 33.50 -19.20 2.60
N CYS B 355 32.41 -19.64 1.96
CA CYS B 355 32.32 -21.02 1.49
C CYS B 355 33.16 -21.27 0.24
N TRP B 356 33.65 -20.18 -0.39
CA TRP B 356 34.47 -20.28 -1.59
C TRP B 356 35.94 -20.44 -1.22
N PHE B 357 36.48 -19.43 -0.53
CA PHE B 357 37.87 -19.38 -0.10
C PHE B 357 38.17 -20.48 0.93
N GLU B 358 37.16 -20.86 1.74
CA GLU B 358 37.30 -21.93 2.72
C GLU B 358 37.23 -23.29 2.04
N GLY B 359 36.69 -23.32 0.82
CA GLY B 359 36.50 -24.56 0.11
C GLY B 359 35.54 -25.50 0.83
N ARG B 360 34.32 -25.00 1.08
CA ARG B 360 33.21 -25.83 1.52
C ARG B 360 32.07 -25.70 0.50
N PRO B 361 31.19 -26.71 0.35
CA PRO B 361 29.90 -26.54 -0.34
C PRO B 361 29.14 -25.22 -0.13
N ILE B 362 28.83 -24.52 -1.24
CA ILE B 362 27.95 -23.35 -1.25
C ILE B 362 26.51 -23.83 -1.15
N ARG B 363 25.68 -23.07 -0.43
CA ARG B 363 24.36 -23.57 -0.06
C ARG B 363 23.55 -23.79 -1.34
N GLU B 364 23.03 -25.01 -1.49
CA GLU B 364 22.37 -25.47 -2.70
C GLU B 364 21.24 -24.53 -3.11
N ASP B 365 20.57 -23.91 -2.11
CA ASP B 365 19.51 -22.95 -2.37
C ASP B 365 20.10 -21.71 -3.05
N TYR B 366 21.37 -21.38 -2.78
CA TYR B 366 21.98 -20.17 -3.30
C TYR B 366 22.42 -20.36 -4.76
N VAL B 367 22.64 -21.62 -5.16
CA VAL B 367 23.37 -21.95 -6.38
C VAL B 367 22.47 -21.80 -7.62
N ILE B 368 22.94 -21.05 -8.63
CA ILE B 368 22.27 -20.98 -9.91
C ILE B 368 22.98 -21.95 -10.88
N VAL B 369 24.24 -21.64 -11.28
CA VAL B 369 25.02 -22.47 -12.20
C VAL B 369 26.30 -22.96 -11.53
N ASP B 370 26.45 -24.28 -11.35
CA ASP B 370 27.71 -24.86 -10.92
C ASP B 370 27.86 -26.24 -11.54
N GLY B 371 29.12 -26.58 -11.90
CA GLY B 371 29.46 -27.84 -12.53
C GLY B 371 29.20 -27.83 -14.04
N GLY B 372 29.04 -26.62 -14.60
CA GLY B 372 28.67 -26.44 -16.00
C GLY B 372 27.22 -26.81 -16.31
N LYS B 373 26.28 -26.35 -15.47
CA LYS B 373 24.87 -26.67 -15.63
C LYS B 373 24.03 -25.87 -14.63
N LEU B 374 22.74 -25.67 -14.96
CA LEU B 374 21.74 -25.19 -14.01
C LEU B 374 21.73 -26.11 -12.79
N ALA B 375 21.77 -25.53 -11.58
CA ALA B 375 21.67 -26.29 -10.34
C ALA B 375 21.10 -25.41 -9.22
N GLY B 376 20.40 -26.04 -8.26
CA GLY B 376 19.94 -25.36 -7.05
C GLY B 376 18.61 -24.66 -7.25
N THR B 377 18.52 -23.39 -6.84
CA THR B 377 17.44 -22.53 -7.27
C THR B 377 17.35 -22.61 -8.79
N GLY B 378 18.48 -22.31 -9.46
CA GLY B 378 18.59 -22.16 -10.91
C GLY B 378 17.99 -23.33 -11.70
N ALA B 379 18.24 -24.56 -11.23
CA ALA B 379 17.74 -25.75 -11.90
C ALA B 379 16.21 -25.85 -11.80
N LEU B 380 15.64 -25.31 -10.72
CA LEU B 380 14.20 -25.40 -10.48
C LEU B 380 13.49 -24.17 -11.04
N SER B 381 14.20 -23.03 -11.09
CA SER B 381 13.60 -21.74 -11.40
C SER B 381 13.88 -21.35 -12.85
N TYR B 382 15.17 -21.34 -13.21
CA TYR B 382 15.67 -20.70 -14.42
C TYR B 382 15.80 -21.72 -15.57
N THR B 383 16.04 -21.21 -16.79
CA THR B 383 16.28 -22.02 -17.98
C THR B 383 17.14 -21.25 -18.99
N VAL B 384 17.66 -21.98 -19.99
CA VAL B 384 18.55 -21.45 -21.01
C VAL B 384 18.19 -22.02 -22.38
N LEU B 385 18.47 -21.25 -23.44
CA LEU B 385 18.32 -21.74 -24.81
C LEU B 385 19.49 -22.65 -25.15
PA NAP C . -17.07 0.87 15.13
O1A NAP C . -17.33 -0.62 15.16
O2A NAP C . -18.13 1.75 15.70
O5B NAP C . -15.68 1.20 15.83
C5B NAP C . -15.61 2.13 16.93
C4B NAP C . -14.74 1.52 18.00
O4B NAP C . -14.18 2.59 18.80
C3B NAP C . -15.45 0.57 18.98
O3B NAP C . -14.85 -0.72 18.88
C2B NAP C . -15.24 1.20 20.35
O2B NAP C . -14.97 0.07 21.20
C1B NAP C . -14.04 2.11 20.11
N9A NAP C . -13.91 3.28 20.98
C8A NAP C . -14.86 4.22 21.26
N7A NAP C . -14.42 5.21 22.00
C5A NAP C . -13.08 4.90 22.21
C6A NAP C . -12.05 5.53 22.93
N6A NAP C . -12.20 6.65 23.62
N1A NAP C . -10.83 4.96 22.92
C2A NAP C . -10.65 3.82 22.22
N3A NAP C . -11.54 3.13 21.53
C4A NAP C . -12.75 3.72 21.56
O3 NAP C . -16.74 1.32 13.61
PN NAP C . -15.41 1.78 12.82
O1N NAP C . -15.53 1.30 11.41
O2N NAP C . -14.24 1.30 13.64
O5D NAP C . -15.42 3.38 12.80
C5D NAP C . -14.31 4.02 13.46
C4D NAP C . -14.29 5.50 13.13
O4D NAP C . -13.46 5.72 11.97
C3D NAP C . -15.63 6.17 12.79
O3D NAP C . -16.37 6.53 13.94
C2D NAP C . -15.19 7.40 11.98
O2D NAP C . -15.04 8.55 12.81
C1D NAP C . -13.89 6.91 11.31
N1N NAP C . -14.08 6.61 9.86
C2N NAP C . -13.33 7.25 8.89
C3N NAP C . -13.56 6.99 7.54
C7N NAP C . -12.76 7.67 6.47
O7N NAP C . -11.61 8.08 6.69
N7N NAP C . -13.32 7.83 5.26
C4N NAP C . -14.57 6.11 7.18
C5N NAP C . -15.30 5.47 8.15
C6N NAP C . -15.06 5.73 9.49
P2B NAP C . -15.01 0.32 22.79
O1X NAP C . -16.38 1.00 23.10
O2X NAP C . -14.86 -1.07 23.40
O3X NAP C . -13.77 1.20 23.04
N1 AZI D . -15.26 8.69 6.73
N2 AZI D . -16.36 8.49 6.54
N3 AZI D . -17.46 8.29 6.33
PA NAP E . 11.62 -18.36 -6.11
O1A NAP E . 11.09 -19.54 -5.36
O2A NAP E . 13.06 -18.24 -6.53
O5B NAP E . 10.73 -18.10 -7.41
C5B NAP E . 10.62 -19.12 -8.43
C4B NAP E . 9.15 -19.40 -8.61
O4B NAP E . 8.76 -18.97 -9.94
C3B NAP E . 8.76 -20.87 -8.49
O3B NAP E . 7.48 -21.01 -7.87
C2B NAP E . 8.69 -21.31 -9.94
O2B NAP E . 7.71 -22.32 -9.90
C1B NAP E . 8.20 -20.05 -10.63
N9A NAP E . 8.58 -19.98 -12.02
C8A NAP E . 9.85 -20.12 -12.54
N7A NAP E . 9.88 -20.07 -13.85
C5A NAP E . 8.55 -19.92 -14.22
C6A NAP E . 7.91 -19.80 -15.47
N6A NAP E . 8.59 -19.81 -16.61
N1A NAP E . 6.57 -19.65 -15.49
C2A NAP E . 5.91 -19.62 -14.33
N3A NAP E . 6.39 -19.72 -13.09
C4A NAP E . 7.73 -19.85 -13.10
O3 NAP E . 11.19 -17.01 -5.37
PN NAP E . 11.91 -15.61 -5.69
O1N NAP E . 13.31 -15.79 -5.18
O2N NAP E . 11.01 -14.53 -5.19
O5D NAP E . 12.01 -15.53 -7.30
C5D NAP E . 11.09 -14.62 -7.98
C4D NAP E . 11.82 -13.54 -8.77
O4D NAP E . 11.43 -12.23 -8.30
C3D NAP E . 13.35 -13.46 -8.70
O3D NAP E . 14.05 -14.51 -9.37
C2D NAP E . 13.57 -12.10 -9.36
O2D NAP E . 13.53 -12.12 -10.78
C1D NAP E . 12.35 -11.30 -8.84
N1N NAP E . 12.74 -10.38 -7.75
C2N NAP E . 12.49 -9.02 -7.85
C3N NAP E . 12.88 -8.18 -6.81
C7N NAP E . 12.61 -6.71 -6.85
O7N NAP E . 11.54 -6.29 -7.31
N7N NAP E . 13.51 -5.87 -6.30
C4N NAP E . 13.57 -8.71 -5.72
C5N NAP E . 13.83 -10.06 -5.66
C6N NAP E . 13.42 -10.88 -6.67
P2B NAP E . 7.69 -23.33 -11.14
O1X NAP E . 7.68 -22.51 -12.41
O2X NAP E . 6.34 -24.01 -10.88
O3X NAP E . 8.92 -24.26 -11.04
N1 AZI F . 16.68 -9.06 -6.34
N2 AZI F . 16.13 -8.32 -7.02
N3 AZI F . 15.56 -7.60 -7.69
#